data_5Y1Z
#
_entry.id   5Y1Z
#
_cell.length_a   54.183
_cell.length_b   138.095
_cell.length_c   161.164
_cell.angle_alpha   90.000
_cell.angle_beta   90.000
_cell.angle_gamma   90.000
#
_symmetry.space_group_name_H-M   'P 21 21 21'
#
loop_
_entity.id
_entity.type
_entity.pdbx_description
1 polymer Drebrin
2 polymer 'Protein kinase C-binding protein 1'
3 non-polymer 'SULFATE ION'
4 non-polymer 'ZINC ION'
5 non-polymer GLYCEROL
6 water water
#
loop_
_entity_poly.entity_id
_entity_poly.type
_entity_poly.pdbx_seq_one_letter_code
_entity_poly.pdbx_strand_id
1 'polypeptide(L)'
;GSMAGVSFSGHRLELLAAYEEVIREESAADWALYTYEDGSDDLKLAASGEGGLQELSGHFENQKVMYGFCSVKDSQAALP
KYVLINWVGEDVPDARKCACASHVAKVAEFFQGVDVIVNASSVEDIDAGAIGQRLSN
;
A,B
2 'polypeptide(L)'
;QDGRNDFYCWVCHREGQVLCCELCPRVYHAKCLRLTSEPEGDWFCPECEKITVAECIETQSKAMTMLTIEQLSYLLKFAI
QKMKQPGTDAFQKPVPLEQHPDYAEYIFHPMDLCTLEKNAKKKMYGCTEAFLADAKWILHNCIIYNGGNHKLTQIAKVVI
KICEHEMNEIEVCPECYLAACQKRDNWFCEPCSNPHPLVWAKLKGFPFWPAKALRDKDGQVDARFFGQHDRAWVPINNCY
LMSKEIPFSVKKTKSIFNSAMQEMEVYVENIRRKFGVFNYSPFRTPYTPNSQYQMLLDPTNPSAGTAKIDKQEKVKLNFD
MTAS
;
C,D
#
# COMPACT_ATOMS: atom_id res chain seq x y z
N MET A 3 17.00 23.84 9.65
CA MET A 3 17.87 23.60 10.81
C MET A 3 17.49 22.29 11.49
N ALA A 4 18.51 21.52 11.86
CA ALA A 4 18.27 20.27 12.57
C ALA A 4 17.51 20.52 13.86
N GLY A 5 17.68 21.68 14.48
CA GLY A 5 17.01 21.95 15.74
C GLY A 5 17.85 21.46 16.91
N VAL A 6 17.19 21.28 18.05
CA VAL A 6 17.86 20.73 19.21
C VAL A 6 18.58 19.43 18.86
N SER A 7 19.80 19.30 19.31
CA SER A 7 20.60 18.11 19.10
C SER A 7 20.95 17.46 20.44
N PHE A 8 20.93 16.14 20.47
CA PHE A 8 21.39 15.41 21.65
C PHE A 8 22.61 14.55 21.36
N SER A 9 23.37 14.84 20.30
CA SER A 9 24.43 13.92 19.92
C SER A 9 25.67 14.16 20.75
N GLY A 10 26.26 15.36 20.63
CA GLY A 10 27.36 15.70 21.49
C GLY A 10 26.83 15.78 22.91
N HIS A 11 27.57 15.20 23.84
CA HIS A 11 27.21 15.12 25.25
C HIS A 11 26.09 14.14 25.53
N ARG A 12 25.78 13.22 24.62
CA ARG A 12 24.60 12.39 24.86
C ARG A 12 24.75 11.63 26.18
N LEU A 13 25.91 11.04 26.41
CA LEU A 13 26.10 10.20 27.59
C LEU A 13 25.92 11.01 28.87
N GLU A 14 26.40 12.25 28.90
CA GLU A 14 26.21 13.06 30.10
C GLU A 14 24.73 13.36 30.33
N LEU A 15 24.01 13.70 29.26
CA LEU A 15 22.60 14.03 29.39
C LEU A 15 21.81 12.86 29.95
N LEU A 16 22.02 11.67 29.37
CA LEU A 16 21.25 10.54 29.86
C LEU A 16 21.73 10.05 31.22
N ALA A 17 22.99 10.31 31.58
CA ALA A 17 23.47 9.92 32.91
C ALA A 17 22.81 10.76 34.00
N ALA A 18 22.67 12.07 33.76
CA ALA A 18 21.95 12.90 34.70
C ALA A 18 20.49 12.48 34.81
N TYR A 19 19.85 12.24 33.66
CA TYR A 19 18.45 11.86 33.67
C TYR A 19 18.23 10.53 34.38
N GLU A 20 19.12 9.57 34.12
CA GLU A 20 19.04 8.28 34.79
C GLU A 20 19.20 8.44 36.30
N GLU A 21 20.11 9.33 36.73
CA GLU A 21 20.23 9.62 38.16
C GLU A 21 18.93 10.16 38.74
N VAL A 22 18.23 11.01 37.97
CA VAL A 22 16.97 11.54 38.47
C VAL A 22 15.89 10.45 38.55
N ILE A 23 15.90 9.52 37.60
CA ILE A 23 14.85 8.48 37.59
C ILE A 23 15.08 7.47 38.72
N ARG A 24 16.33 7.15 39.02
CA ARG A 24 16.62 6.13 40.02
C ARG A 24 16.10 6.51 41.40
N GLU A 25 15.36 5.60 42.03
CA GLU A 25 14.87 5.84 43.37
C GLU A 25 16.01 5.90 44.38
N GLU A 26 17.07 5.11 44.18
CA GLU A 26 18.15 5.05 45.16
C GLU A 26 19.05 6.30 45.12
N SER A 27 19.16 6.96 43.98
CA SER A 27 20.04 8.12 43.87
C SER A 27 19.42 9.34 44.55
N ALA A 28 20.25 10.10 45.28
CA ALA A 28 19.71 11.25 46.02
C ALA A 28 19.24 12.34 45.07
N ALA A 29 19.98 12.58 43.99
CA ALA A 29 19.63 13.64 43.06
C ALA A 29 18.20 13.47 42.55
N ASP A 30 17.47 14.57 42.53
CA ASP A 30 16.12 14.57 41.99
C ASP A 30 15.92 15.69 40.99
N TRP A 31 16.99 16.36 40.56
CA TRP A 31 16.81 17.27 39.44
C TRP A 31 18.07 17.33 38.60
N ALA A 32 17.86 17.60 37.32
CA ALA A 32 18.92 17.86 36.35
C ALA A 32 18.51 19.07 35.52
N LEU A 33 19.50 19.85 35.10
CA LEU A 33 19.28 21.11 34.41
C LEU A 33 20.16 21.11 33.16
N TYR A 34 19.51 21.27 32.00
CA TYR A 34 20.17 21.31 30.69
C TYR A 34 19.99 22.65 29.99
N THR A 35 20.88 22.94 29.04
CA THR A 35 20.85 24.21 28.33
C THR A 35 21.61 24.03 27.02
N TYR A 36 21.55 25.06 26.18
CA TYR A 36 22.28 24.96 24.91
C TYR A 36 23.74 25.39 25.06
N GLU A 37 24.59 24.75 24.26
CA GLU A 37 25.96 25.22 24.14
C GLU A 37 25.99 26.47 23.27
N ASP A 38 26.93 27.36 23.59
CA ASP A 38 26.94 28.68 22.97
C ASP A 38 27.04 28.58 21.45
N GLY A 39 26.24 29.39 20.77
CA GLY A 39 26.22 29.38 19.32
C GLY A 39 25.92 28.02 18.72
N SER A 40 25.01 27.27 19.33
CA SER A 40 24.75 25.91 18.88
C SER A 40 23.38 25.47 19.40
N ASP A 41 22.81 24.48 18.73
CA ASP A 41 21.56 23.87 19.17
C ASP A 41 21.79 22.56 19.89
N ASP A 42 23.02 22.25 20.28
CA ASP A 42 23.31 21.00 20.97
C ASP A 42 23.10 21.18 22.46
N LEU A 43 22.30 20.29 23.04
CA LEU A 43 22.01 20.36 24.46
C LEU A 43 23.20 19.88 25.29
N LYS A 44 23.40 20.50 26.43
CA LYS A 44 24.46 20.12 27.36
C LYS A 44 23.91 20.13 28.79
N LEU A 45 24.58 19.38 29.65
CA LEU A 45 24.19 19.36 31.03
C LEU A 45 24.77 20.59 31.71
N ALA A 46 23.92 21.33 32.42
CA ALA A 46 24.36 22.54 33.11
C ALA A 46 24.64 22.26 34.55
N ALA A 47 23.76 21.51 35.20
CA ALA A 47 23.96 21.19 36.60
C ALA A 47 22.98 20.09 36.97
N SER A 48 23.10 19.60 38.19
CA SER A 48 22.22 18.56 38.69
C SER A 48 22.41 18.50 40.20
N GLY A 49 21.39 17.98 40.89
CA GLY A 49 21.52 17.93 42.33
C GLY A 49 20.27 17.42 43.01
N GLU A 50 20.26 17.62 44.32
CA GLU A 50 19.18 17.24 45.19
C GLU A 50 18.55 18.52 45.71
N GLY A 51 17.47 18.36 46.46
CA GLY A 51 16.70 19.49 46.92
C GLY A 51 15.49 19.85 46.08
N GLY A 52 15.18 19.09 45.04
CA GLY A 52 13.97 19.35 44.28
C GLY A 52 13.85 20.75 43.69
N LEU A 53 12.58 21.10 43.43
CA LEU A 53 12.24 22.35 42.73
C LEU A 53 12.83 23.56 43.44
N GLN A 54 12.87 23.52 44.77
CA GLN A 54 13.34 24.69 45.51
C GLN A 54 14.78 24.99 45.16
N GLU A 55 15.62 23.95 45.13
CA GLU A 55 17.00 24.13 44.76
C GLU A 55 17.12 24.43 43.27
N LEU A 56 16.40 23.68 42.44
CA LEU A 56 16.56 23.84 40.99
C LEU A 56 16.28 25.28 40.58
N SER A 57 15.24 25.89 41.12
CA SER A 57 14.92 27.27 40.72
C SER A 57 16.10 28.23 40.93
N GLY A 58 17.06 27.89 41.79
CA GLY A 58 18.22 28.72 42.02
C GLY A 58 19.28 28.71 40.92
N HIS A 59 19.20 27.78 39.96
CA HIS A 59 20.22 27.68 38.94
C HIS A 59 19.79 28.21 37.59
N PHE A 60 18.58 28.76 37.48
CA PHE A 60 18.10 29.24 36.18
C PHE A 60 18.77 30.56 35.84
N GLU A 61 19.12 30.74 34.58
CA GLU A 61 19.87 31.93 34.15
C GLU A 61 19.01 32.77 33.21
N ASN A 62 19.07 34.09 33.40
CA ASN A 62 18.16 35.00 32.74
C ASN A 62 18.50 35.24 31.28
N GLN A 63 19.70 34.86 30.88
CA GLN A 63 20.17 35.04 29.51
C GLN A 63 20.06 33.78 28.69
N LYS A 64 19.48 32.71 29.26
CA LYS A 64 19.50 31.40 28.61
C LYS A 64 18.12 30.76 28.56
N VAL A 65 17.93 29.96 27.52
CA VAL A 65 16.88 28.94 27.46
C VAL A 65 17.41 27.68 28.12
N MET A 66 16.68 27.14 29.09
CA MET A 66 17.13 25.96 29.82
C MET A 66 15.95 25.01 30.05
N TYR A 67 16.25 23.74 30.29
CA TYR A 67 15.24 22.71 30.52
C TYR A 67 15.53 22.01 31.85
N GLY A 68 14.57 22.08 32.77
CA GLY A 68 14.75 21.49 34.09
C GLY A 68 13.95 20.21 34.27
N PHE A 69 14.61 19.12 34.58
CA PHE A 69 13.94 17.84 34.70
C PHE A 69 14.02 17.47 36.17
N CYS A 70 12.88 17.56 36.85
CA CYS A 70 12.83 17.35 38.28
C CYS A 70 11.83 16.24 38.62
N SER A 71 12.26 15.34 39.48
CA SER A 71 11.42 14.28 40.03
C SER A 71 10.75 14.78 41.30
N VAL A 72 9.46 14.50 41.44
CA VAL A 72 8.67 15.03 42.54
C VAL A 72 7.86 13.90 43.17
N LYS A 73 8.02 13.71 44.49
CA LYS A 73 7.30 12.68 45.26
C LYS A 73 6.28 13.30 46.20
N ALA A 77 4.94 10.67 48.55
CA ALA A 77 4.83 9.47 49.38
C ALA A 77 4.52 8.20 48.55
N ALA A 78 4.15 8.38 47.27
CA ALA A 78 3.88 7.31 46.32
C ALA A 78 4.91 7.39 45.18
N LEU A 79 4.59 6.80 44.03
CA LEU A 79 5.50 6.81 42.89
C LEU A 79 5.73 8.24 42.40
N PRO A 80 6.95 8.60 42.01
CA PRO A 80 7.25 9.99 41.62
C PRO A 80 6.74 10.36 40.25
N LYS A 81 6.36 11.64 40.11
CA LYS A 81 6.01 12.21 38.82
C LYS A 81 7.10 13.17 38.34
N TYR A 82 7.09 13.47 37.04
CA TYR A 82 8.23 14.16 36.44
C TYR A 82 7.79 15.47 35.77
N VAL A 83 8.47 16.54 36.15
CA VAL A 83 8.20 17.88 35.68
C VAL A 83 9.34 18.29 34.76
N LEU A 84 9.00 18.85 33.61
CA LEU A 84 9.97 19.51 32.76
C LEU A 84 9.67 21.00 32.80
N ILE A 85 10.61 21.80 33.26
CA ILE A 85 10.49 23.24 33.28
C ILE A 85 11.10 23.78 31.99
N ASN A 86 10.25 24.40 31.18
CA ASN A 86 10.65 25.07 29.96
C ASN A 86 11.01 26.50 30.34
N TRP A 87 12.28 26.71 30.65
CA TRP A 87 12.77 28.02 31.10
C TRP A 87 13.24 28.89 29.95
N VAL A 88 12.68 30.09 29.86
CA VAL A 88 13.17 31.09 28.93
C VAL A 88 13.46 32.33 29.72
N GLY A 89 14.73 32.69 29.81
CA GLY A 89 15.10 33.86 30.56
C GLY A 89 14.50 35.11 29.96
N GLU A 90 14.13 36.05 30.83
CA GLU A 90 13.58 37.34 30.41
C GLU A 90 14.50 38.08 29.46
N ASP A 91 15.79 37.73 29.40
CA ASP A 91 16.73 38.42 28.54
C ASP A 91 17.09 37.61 27.30
N VAL A 92 16.38 36.53 27.04
CA VAL A 92 16.54 35.79 25.79
C VAL A 92 15.84 36.57 24.67
N PRO A 93 16.47 36.74 23.52
CA PRO A 93 15.79 37.42 22.41
C PRO A 93 14.52 36.69 21.97
N ASP A 94 13.53 37.47 21.53
CA ASP A 94 12.23 36.90 21.16
C ASP A 94 12.38 35.87 20.05
N ALA A 95 13.25 36.15 19.08
CA ALA A 95 13.45 35.20 17.98
C ALA A 95 13.99 33.87 18.51
N ARG A 96 14.85 33.92 19.51
CA ARG A 96 15.38 32.65 20.00
C ARG A 96 14.36 31.96 20.89
N LYS A 97 13.54 32.72 21.59
CA LYS A 97 12.43 32.09 22.29
C LYS A 97 11.57 31.35 21.29
N CYS A 98 11.35 31.96 20.14
CA CYS A 98 10.47 31.37 19.15
C CYS A 98 11.07 30.09 18.58
N ALA A 99 12.36 30.13 18.24
CA ALA A 99 13.03 28.95 17.69
C ALA A 99 13.08 27.83 18.71
N CYS A 100 13.45 28.15 19.95
CA CYS A 100 13.55 27.13 20.96
C CYS A 100 12.20 26.53 21.31
N ALA A 101 11.12 27.30 21.14
CA ALA A 101 9.81 26.78 21.48
C ALA A 101 9.50 25.50 20.71
N SER A 102 9.96 25.41 19.47
CA SER A 102 9.76 24.22 18.66
C SER A 102 10.63 23.05 19.08
N HIS A 103 11.55 23.23 20.02
CA HIS A 103 12.36 22.13 20.55
C HIS A 103 11.74 21.42 21.75
N VAL A 104 10.85 22.09 22.48
CA VAL A 104 10.43 21.59 23.78
C VAL A 104 9.92 20.15 23.67
N ALA A 105 9.04 19.89 22.69
CA ALA A 105 8.47 18.56 22.55
C ALA A 105 9.54 17.51 22.31
N LYS A 106 10.53 17.84 21.49
CA LYS A 106 11.64 16.92 21.23
C LYS A 106 12.46 16.67 22.50
N VAL A 107 12.65 17.70 23.35
CA VAL A 107 13.33 17.48 24.63
C VAL A 107 12.51 16.57 25.53
N ALA A 108 11.20 16.78 25.63
CA ALA A 108 10.36 15.90 26.44
C ALA A 108 10.38 14.49 25.90
N GLU A 109 10.50 14.34 24.60
CA GLU A 109 10.57 13.01 24.03
C GLU A 109 11.89 12.36 24.36
N PHE A 110 12.95 13.17 24.48
CA PHE A 110 14.26 12.62 24.76
C PHE A 110 14.32 12.10 26.19
N PHE A 111 13.82 12.87 27.15
CA PHE A 111 13.83 12.47 28.56
C PHE A 111 12.53 11.78 28.94
N GLN A 112 12.37 10.54 28.45
CA GLN A 112 11.09 9.83 28.49
C GLN A 112 10.44 9.91 29.86
N GLY A 113 9.12 10.07 29.87
CA GLY A 113 8.38 10.05 31.11
C GLY A 113 8.04 11.39 31.70
N VAL A 114 8.11 12.47 30.92
CA VAL A 114 7.71 13.77 31.43
C VAL A 114 6.22 13.74 31.74
N ASP A 115 5.86 14.10 32.96
CA ASP A 115 4.46 14.09 33.31
C ASP A 115 3.80 15.45 33.10
N VAL A 116 4.51 16.55 33.32
CA VAL A 116 3.93 17.87 33.04
C VAL A 116 5.04 18.80 32.59
N ILE A 117 4.70 19.70 31.67
CA ILE A 117 5.62 20.73 31.20
C ILE A 117 5.14 22.06 31.73
N VAL A 118 6.05 22.80 32.37
CA VAL A 118 5.75 24.08 33.01
C VAL A 118 6.61 25.16 32.36
N ASN A 119 5.98 26.16 31.75
CA ASN A 119 6.73 27.27 31.16
C ASN A 119 7.08 28.30 32.22
N ALA A 120 8.32 28.78 32.19
CA ALA A 120 8.82 29.61 33.26
C ALA A 120 9.79 30.65 32.73
N SER A 121 9.67 31.88 33.25
CA SER A 121 10.62 32.94 32.97
C SER A 121 11.12 33.70 34.18
N SER A 122 10.56 33.44 35.36
CA SER A 122 11.15 33.95 36.58
C SER A 122 11.07 32.81 37.57
N VAL A 123 11.84 32.89 38.65
CA VAL A 123 11.69 31.87 39.68
C VAL A 123 10.26 31.83 40.18
N GLU A 124 9.58 32.98 40.19
CA GLU A 124 8.23 33.02 40.72
C GLU A 124 7.25 32.15 39.94
N ASP A 125 7.58 31.77 38.71
CA ASP A 125 6.72 30.85 37.97
C ASP A 125 6.86 29.41 38.48
N ILE A 126 7.80 29.16 39.38
CA ILE A 126 8.11 27.81 39.82
C ILE A 126 7.70 27.61 41.28
N ASP A 127 6.40 27.44 41.49
CA ASP A 127 5.80 27.23 42.81
C ASP A 127 5.56 25.75 43.04
N ALA A 128 6.33 25.16 43.96
CA ALA A 128 6.22 23.73 44.26
C ALA A 128 4.78 23.30 44.54
N GLY A 129 4.02 24.13 45.27
CA GLY A 129 2.62 23.82 45.50
C GLY A 129 1.82 23.76 44.21
N ALA A 130 1.87 24.82 43.41
CA ALA A 130 1.07 24.87 42.19
C ALA A 130 1.38 23.69 41.27
N ILE A 131 2.66 23.40 41.08
CA ILE A 131 3.04 22.23 40.30
C ILE A 131 2.49 20.95 40.92
N GLY A 132 2.56 20.83 42.25
CA GLY A 132 2.04 19.63 42.89
C GLY A 132 0.56 19.42 42.63
N GLN A 133 -0.24 20.49 42.79
CA GLN A 133 -1.67 20.40 42.51
C GLN A 133 -1.91 20.03 41.06
N ARG A 134 -1.05 20.50 40.14
CA ARG A 134 -1.20 20.15 38.73
C ARG A 134 -1.14 18.64 38.51
N LEU A 135 -0.30 17.95 39.28
CA LEU A 135 -0.13 16.52 39.09
C LEU A 135 -1.26 15.68 39.70
N GLY B 1 -0.80 -17.12 -7.86
CA GLY B 1 -0.10 -15.97 -8.38
C GLY B 1 -0.84 -14.67 -8.14
N SER B 2 -2.10 -14.62 -8.56
CA SER B 2 -2.98 -13.48 -8.36
C SER B 2 -4.41 -13.97 -8.45
N MET B 3 -5.31 -13.37 -7.66
CA MET B 3 -6.69 -13.85 -7.59
C MET B 3 -7.36 -13.81 -8.96
N ALA B 4 -7.05 -12.79 -9.76
CA ALA B 4 -7.71 -12.64 -11.05
C ALA B 4 -7.37 -13.78 -12.00
N GLY B 5 -6.18 -14.35 -11.89
CA GLY B 5 -5.77 -15.43 -12.77
C GLY B 5 -5.12 -14.94 -14.05
N VAL B 6 -5.07 -15.87 -15.01
CA VAL B 6 -4.52 -15.55 -16.33
C VAL B 6 -5.25 -14.35 -16.94
N SER B 7 -4.47 -13.41 -17.46
CA SER B 7 -4.98 -12.21 -18.09
C SER B 7 -4.57 -12.11 -19.56
N PHE B 8 -5.50 -11.66 -20.40
CA PHE B 8 -5.22 -11.46 -21.81
C PHE B 8 -5.26 -10.00 -22.20
N SER B 9 -5.08 -9.11 -21.22
CA SER B 9 -5.33 -7.68 -21.41
C SER B 9 -4.17 -6.98 -22.10
N GLY B 10 -2.94 -7.20 -21.62
CA GLY B 10 -1.76 -6.53 -22.16
C GLY B 10 -1.38 -6.83 -23.60
N HIS B 11 -1.74 -7.99 -24.15
CA HIS B 11 -1.29 -8.32 -25.49
C HIS B 11 -2.42 -8.87 -26.37
N ARG B 12 -3.66 -8.48 -26.06
CA ARG B 12 -4.83 -9.17 -26.62
C ARG B 12 -4.78 -9.22 -28.16
N LEU B 13 -4.52 -8.09 -28.81
CA LEU B 13 -4.55 -8.09 -30.27
C LEU B 13 -3.47 -8.99 -30.84
N GLU B 14 -2.28 -8.97 -30.25
CA GLU B 14 -1.21 -9.82 -30.76
C GLU B 14 -1.52 -11.29 -30.54
N LEU B 15 -2.02 -11.65 -29.34
CA LEU B 15 -2.33 -13.06 -29.08
C LEU B 15 -3.35 -13.58 -30.08
N LEU B 16 -4.43 -12.82 -30.28
CA LEU B 16 -5.46 -13.28 -31.20
C LEU B 16 -5.02 -13.18 -32.66
N ALA B 17 -4.08 -12.30 -32.98
CA ALA B 17 -3.58 -12.23 -34.35
C ALA B 17 -2.77 -13.47 -34.70
N ALA B 18 -1.88 -13.91 -33.80
CA ALA B 18 -1.16 -15.16 -34.07
C ALA B 18 -2.12 -16.34 -34.14
N TYR B 19 -3.16 -16.39 -33.28
CA TYR B 19 -4.09 -17.51 -33.39
C TYR B 19 -4.86 -17.46 -34.72
N GLU B 20 -5.29 -16.28 -35.13
CA GLU B 20 -5.95 -16.15 -36.43
C GLU B 20 -5.07 -16.70 -37.54
N GLU B 21 -3.78 -16.39 -37.50
CA GLU B 21 -2.87 -16.93 -38.50
C GLU B 21 -2.86 -18.45 -38.49
N VAL B 22 -2.93 -19.05 -37.30
CA VAL B 22 -2.92 -20.50 -37.23
C VAL B 22 -4.20 -21.08 -37.86
N ILE B 23 -5.33 -20.40 -37.66
CA ILE B 23 -6.59 -20.89 -38.21
C ILE B 23 -6.70 -20.69 -39.72
N ARG B 24 -6.15 -19.60 -40.27
CA ARG B 24 -6.32 -19.32 -41.70
C ARG B 24 -5.74 -20.45 -42.54
N GLU B 25 -6.54 -20.94 -43.50
CA GLU B 25 -6.09 -22.04 -44.36
C GLU B 25 -4.98 -21.59 -45.30
N GLU B 26 -5.06 -20.37 -45.84
CA GLU B 26 -4.05 -19.94 -46.79
C GLU B 26 -2.73 -19.62 -46.10
N SER B 27 -2.77 -19.26 -44.82
CA SER B 27 -1.54 -18.91 -44.10
C SER B 27 -0.75 -20.17 -43.76
N ALA B 28 0.56 -20.12 -43.99
CA ALA B 28 1.38 -21.30 -43.77
C ALA B 28 1.48 -21.66 -42.28
N ALA B 29 1.53 -20.64 -41.42
CA ALA B 29 1.72 -20.88 -40.00
C ALA B 29 0.68 -21.85 -39.46
N ASP B 30 1.13 -22.80 -38.66
CA ASP B 30 0.23 -23.74 -38.01
C ASP B 30 0.55 -23.94 -36.53
N TRP B 31 1.41 -23.11 -35.93
CA TRP B 31 1.51 -23.17 -34.47
C TRP B 31 1.85 -21.81 -33.90
N ALA B 32 1.35 -21.57 -32.69
CA ALA B 32 1.67 -20.36 -31.94
C ALA B 32 1.92 -20.75 -30.49
N LEU B 33 2.89 -20.11 -29.85
CA LEU B 33 3.30 -20.50 -28.52
C LEU B 33 3.26 -19.28 -27.61
N TYR B 34 2.50 -19.41 -26.53
CA TYR B 34 2.28 -18.38 -25.53
C TYR B 34 2.87 -18.77 -24.18
N THR B 35 3.16 -17.76 -23.38
CA THR B 35 3.76 -17.93 -22.06
C THR B 35 3.42 -16.69 -21.24
N TYR B 36 3.71 -16.74 -19.96
CA TYR B 36 3.44 -15.58 -19.12
C TYR B 36 4.58 -14.59 -19.19
N GLU B 37 4.24 -13.33 -18.98
CA GLU B 37 5.23 -12.30 -18.78
C GLU B 37 5.82 -12.42 -17.37
N ASP B 38 7.09 -12.06 -17.24
CA ASP B 38 7.82 -12.28 -15.99
C ASP B 38 7.15 -11.61 -14.81
N GLY B 39 7.06 -12.34 -13.70
CA GLY B 39 6.41 -11.81 -12.49
C GLY B 39 5.00 -11.32 -12.72
N SER B 40 4.25 -12.02 -13.56
CA SER B 40 2.96 -11.53 -14.03
C SER B 40 2.13 -12.70 -14.49
N ASP B 41 0.82 -12.49 -14.55
CA ASP B 41 -0.09 -13.47 -15.12
C ASP B 41 -0.58 -13.07 -16.50
N ASP B 42 0.03 -12.07 -17.12
CA ASP B 42 -0.43 -11.68 -18.43
C ASP B 42 0.25 -12.53 -19.48
N LEU B 43 -0.56 -13.11 -20.36
CA LEU B 43 -0.05 -13.95 -21.42
C LEU B 43 0.60 -13.07 -22.48
N LYS B 44 1.69 -13.58 -23.05
CA LYS B 44 2.39 -12.93 -24.14
C LYS B 44 2.68 -13.97 -25.21
N LEU B 45 2.80 -13.50 -26.45
CA LEU B 45 3.10 -14.41 -27.54
C LEU B 45 4.59 -14.63 -27.54
N ALA B 46 5.01 -15.89 -27.49
CA ALA B 46 6.43 -16.22 -27.45
C ALA B 46 6.99 -16.47 -28.83
N ALA B 47 6.28 -17.24 -29.65
CA ALA B 47 6.76 -17.50 -31.01
C ALA B 47 5.61 -18.08 -31.79
N SER B 48 5.85 -18.32 -33.08
CA SER B 48 4.87 -18.92 -33.95
C SER B 48 5.60 -19.30 -35.21
N GLY B 49 5.05 -20.25 -35.94
CA GLY B 49 5.77 -20.78 -37.08
C GLY B 49 4.95 -21.82 -37.82
N GLU B 50 5.65 -22.48 -38.75
CA GLU B 50 5.03 -23.34 -39.74
C GLU B 50 5.39 -24.81 -39.65
N GLY B 51 6.22 -25.23 -38.71
CA GLY B 51 6.63 -26.61 -38.84
C GLY B 51 5.75 -27.67 -38.19
N GLY B 52 4.57 -27.31 -37.71
CA GLY B 52 3.74 -28.22 -36.95
C GLY B 52 4.34 -28.59 -35.59
N LEU B 53 3.90 -29.74 -35.09
CA LEU B 53 4.27 -30.17 -33.74
C LEU B 53 5.78 -30.26 -33.57
N GLN B 54 6.48 -30.77 -34.59
CA GLN B 54 7.90 -31.04 -34.44
C GLN B 54 8.69 -29.75 -34.32
N GLU B 55 8.30 -28.71 -35.07
CA GLU B 55 8.95 -27.42 -34.90
C GLU B 55 8.59 -26.82 -33.56
N LEU B 56 7.31 -26.90 -33.18
CA LEU B 56 6.84 -26.31 -31.95
C LEU B 56 7.57 -26.88 -30.73
N SER B 57 7.86 -28.19 -30.75
CA SER B 57 8.55 -28.83 -29.62
C SER B 57 9.91 -28.20 -29.31
N GLY B 58 10.54 -27.55 -30.29
CA GLY B 58 11.84 -26.98 -30.05
C GLY B 58 11.85 -25.69 -29.24
N HIS B 59 10.69 -25.06 -29.09
CA HIS B 59 10.62 -23.75 -28.46
C HIS B 59 10.14 -23.82 -27.01
N PHE B 60 9.92 -25.01 -26.46
CA PHE B 60 9.51 -25.14 -25.07
C PHE B 60 10.72 -24.94 -24.17
N GLU B 61 10.48 -24.33 -23.02
CA GLU B 61 11.52 -24.02 -22.06
C GLU B 61 11.19 -24.67 -20.72
N ASN B 62 12.22 -25.22 -20.07
CA ASN B 62 12.05 -25.97 -18.84
C ASN B 62 11.83 -25.09 -17.62
N GLN B 63 12.05 -23.79 -17.74
CA GLN B 63 11.84 -22.88 -16.63
C GLN B 63 10.48 -22.19 -16.69
N LYS B 64 9.66 -22.48 -17.70
CA LYS B 64 8.45 -21.71 -17.97
C LYS B 64 7.25 -22.64 -18.08
N VAL B 65 6.09 -22.12 -17.69
CA VAL B 65 4.80 -22.67 -18.08
C VAL B 65 4.43 -22.06 -19.42
N MET B 66 4.08 -22.89 -20.39
CA MET B 66 3.79 -22.39 -21.73
C MET B 66 2.60 -23.13 -22.32
N TYR B 67 1.94 -22.49 -23.28
CA TYR B 67 0.79 -23.07 -23.97
C TYR B 67 1.09 -23.03 -25.46
N GLY B 68 1.13 -24.18 -26.11
CA GLY B 68 1.40 -24.26 -27.53
C GLY B 68 0.13 -24.67 -28.27
N PHE B 69 -0.26 -23.84 -29.23
CA PHE B 69 -1.38 -24.19 -30.10
C PHE B 69 -0.87 -24.69 -31.43
N CYS B 70 -1.39 -25.82 -31.87
CA CYS B 70 -0.92 -26.38 -33.11
C CYS B 70 -2.10 -26.88 -33.91
N SER B 71 -2.13 -26.51 -35.19
CA SER B 71 -3.15 -27.00 -36.10
C SER B 71 -2.61 -28.26 -36.77
N VAL B 72 -3.42 -29.32 -36.78
CA VAL B 72 -3.01 -30.65 -37.24
C VAL B 72 -4.10 -31.21 -38.14
N LYS B 73 -3.75 -31.74 -39.30
CA LYS B 73 -4.75 -32.27 -40.23
C LYS B 73 -4.72 -33.79 -40.20
N ASP B 74 -5.92 -34.40 -40.22
CA ASP B 74 -6.07 -35.84 -40.08
C ASP B 74 -5.92 -36.60 -41.40
N SER B 75 -6.10 -35.92 -42.52
CA SER B 75 -5.90 -36.51 -43.85
C SER B 75 -5.30 -35.44 -44.75
N GLN B 76 -5.41 -35.63 -46.07
CA GLN B 76 -4.91 -34.63 -47.02
C GLN B 76 -5.81 -33.40 -47.03
N ALA B 77 -7.08 -33.58 -47.40
CA ALA B 77 -8.05 -32.49 -47.33
C ALA B 77 -9.19 -32.80 -46.36
N ALA B 78 -8.86 -32.99 -45.07
CA ALA B 78 -9.84 -33.00 -44.01
C ALA B 78 -9.75 -31.71 -43.22
N LEU B 79 -10.84 -31.36 -42.55
CA LEU B 79 -10.82 -30.19 -41.67
C LEU B 79 -9.74 -30.37 -40.59
N PRO B 80 -9.01 -29.33 -40.25
CA PRO B 80 -7.95 -29.48 -39.25
C PRO B 80 -8.52 -29.56 -37.84
N LYS B 81 -7.81 -30.30 -37.00
CA LYS B 81 -8.06 -30.40 -35.58
C LYS B 81 -6.99 -29.60 -34.81
N TYR B 82 -7.33 -29.22 -33.58
CA TYR B 82 -6.51 -28.27 -32.83
C TYR B 82 -6.04 -28.85 -31.51
N VAL B 83 -4.73 -28.80 -31.33
CA VAL B 83 -4.07 -29.30 -30.14
C VAL B 83 -3.59 -28.12 -29.33
N LEU B 84 -3.86 -28.18 -28.03
CA LEU B 84 -3.24 -27.29 -27.06
C LEU B 84 -2.30 -28.13 -26.21
N ILE B 85 -1.03 -27.76 -26.24
CA ILE B 85 -0.03 -28.35 -25.38
C ILE B 85 0.10 -27.47 -24.15
N ASN B 86 -0.32 -28.01 -23.01
CA ASN B 86 -0.14 -27.43 -21.68
C ASN B 86 1.22 -27.90 -21.20
N TRP B 87 2.22 -27.08 -21.49
CA TRP B 87 3.59 -27.35 -21.10
C TRP B 87 3.85 -26.77 -19.71
N VAL B 88 4.31 -27.63 -18.80
CA VAL B 88 4.75 -27.23 -17.48
C VAL B 88 6.18 -27.71 -17.34
N GLY B 89 7.13 -26.76 -17.30
CA GLY B 89 8.53 -27.13 -17.25
C GLY B 89 8.89 -27.86 -15.97
N GLU B 90 9.79 -28.84 -16.08
CA GLU B 90 10.16 -29.61 -14.91
C GLU B 90 10.71 -28.74 -13.79
N ASP B 91 11.24 -27.56 -14.14
CA ASP B 91 11.88 -26.68 -13.16
C ASP B 91 11.04 -25.45 -12.82
N VAL B 92 9.73 -25.49 -13.10
CA VAL B 92 8.79 -24.51 -12.58
C VAL B 92 8.54 -24.85 -11.12
N PRO B 93 8.50 -23.89 -10.20
CA PRO B 93 8.16 -24.20 -8.81
C PRO B 93 6.78 -24.84 -8.71
N ASP B 94 6.63 -25.74 -7.73
CA ASP B 94 5.40 -26.53 -7.61
C ASP B 94 4.17 -25.65 -7.38
N ALA B 95 4.28 -24.65 -6.52
CA ALA B 95 3.13 -23.77 -6.26
C ALA B 95 2.72 -23.05 -7.52
N ARG B 96 3.66 -22.73 -8.38
CA ARG B 96 3.30 -22.02 -9.59
C ARG B 96 2.71 -22.99 -10.62
N LYS B 97 3.19 -24.24 -10.68
CA LYS B 97 2.49 -25.26 -11.45
C LYS B 97 1.04 -25.30 -11.03
N CYS B 98 0.82 -25.43 -9.72
CA CYS B 98 -0.52 -25.52 -9.18
C CYS B 98 -1.39 -24.32 -9.54
N ALA B 99 -0.83 -23.11 -9.45
CA ALA B 99 -1.60 -21.92 -9.81
C ALA B 99 -1.93 -21.90 -11.31
N CYS B 100 -0.95 -22.21 -12.15
CA CYS B 100 -1.17 -22.11 -13.58
C CYS B 100 -2.16 -23.16 -14.07
N ALA B 101 -2.26 -24.29 -13.36
CA ALA B 101 -3.20 -25.32 -13.74
C ALA B 101 -4.64 -24.80 -13.75
N SER B 102 -4.98 -23.90 -12.82
CA SER B 102 -6.34 -23.37 -12.85
C SER B 102 -6.56 -22.41 -14.00
N HIS B 103 -5.49 -22.05 -14.73
CA HIS B 103 -5.62 -21.20 -15.91
C HIS B 103 -5.92 -21.97 -17.18
N VAL B 104 -5.62 -23.28 -17.24
CA VAL B 104 -5.63 -23.98 -18.52
C VAL B 104 -6.98 -23.84 -19.21
N ALA B 105 -8.06 -24.07 -18.48
CA ALA B 105 -9.37 -24.00 -19.12
C ALA B 105 -9.62 -22.61 -19.70
N LYS B 106 -9.30 -21.56 -18.95
CA LYS B 106 -9.50 -20.21 -19.45
C LYS B 106 -8.69 -19.97 -20.72
N VAL B 107 -7.46 -20.50 -20.76
CA VAL B 107 -6.63 -20.38 -21.95
C VAL B 107 -7.24 -21.14 -23.13
N ALA B 108 -7.68 -22.37 -22.89
CA ALA B 108 -8.30 -23.13 -23.97
C ALA B 108 -9.56 -22.45 -24.50
N GLU B 109 -10.32 -21.79 -23.62
CA GLU B 109 -11.51 -21.08 -24.10
C GLU B 109 -11.15 -19.79 -24.82
N PHE B 110 -10.04 -19.14 -24.44
CA PHE B 110 -9.69 -17.89 -25.09
C PHE B 110 -9.33 -18.14 -26.54
N PHE B 111 -8.55 -19.18 -26.82
CA PHE B 111 -8.24 -19.53 -28.21
C PHE B 111 -9.26 -20.56 -28.65
N GLN B 112 -10.50 -20.08 -28.75
CA GLN B 112 -11.67 -20.95 -28.82
C GLN B 112 -11.48 -22.06 -29.83
N GLY B 113 -11.91 -23.26 -29.44
CA GLY B 113 -11.92 -24.39 -30.34
C GLY B 113 -10.86 -25.47 -30.17
N VAL B 114 -10.22 -25.59 -28.99
CA VAL B 114 -9.25 -26.67 -28.79
C VAL B 114 -9.95 -28.03 -28.83
N ASP B 115 -9.39 -28.95 -29.63
CA ASP B 115 -9.91 -30.30 -29.75
C ASP B 115 -9.28 -31.27 -28.78
N VAL B 116 -8.02 -31.07 -28.39
CA VAL B 116 -7.44 -31.93 -27.36
C VAL B 116 -6.37 -31.18 -26.57
N ILE B 117 -6.28 -31.48 -25.27
CA ILE B 117 -5.27 -30.89 -24.39
C ILE B 117 -4.26 -31.96 -24.01
N VAL B 118 -2.98 -31.65 -24.20
CA VAL B 118 -1.87 -32.57 -23.94
C VAL B 118 -0.98 -31.94 -22.87
N ASN B 119 -0.84 -32.61 -21.74
CA ASN B 119 0.06 -32.12 -20.71
C ASN B 119 1.46 -32.62 -21.02
N ALA B 120 2.44 -31.75 -20.86
CA ALA B 120 3.78 -32.09 -21.29
C ALA B 120 4.80 -31.37 -20.43
N SER B 121 5.83 -32.09 -20.04
CA SER B 121 6.97 -31.51 -19.33
C SER B 121 8.28 -31.86 -19.98
N SER B 122 8.25 -32.73 -20.99
CA SER B 122 9.42 -33.08 -21.78
C SER B 122 9.03 -33.02 -23.24
N VAL B 123 10.05 -32.97 -24.10
CA VAL B 123 9.81 -33.14 -25.52
C VAL B 123 9.16 -34.51 -25.77
N GLU B 124 9.59 -35.53 -25.04
CA GLU B 124 9.10 -36.89 -25.28
C GLU B 124 7.61 -37.05 -25.04
N ASP B 125 6.97 -36.14 -24.29
CA ASP B 125 5.53 -36.22 -24.08
C ASP B 125 4.73 -35.81 -25.30
N ILE B 126 5.40 -35.33 -26.34
CA ILE B 126 4.71 -34.79 -27.51
C ILE B 126 4.93 -35.71 -28.71
N ASP B 127 4.18 -36.82 -28.78
CA ASP B 127 4.28 -37.74 -29.90
C ASP B 127 3.20 -37.38 -30.92
N ALA B 128 3.64 -36.84 -32.07
CA ALA B 128 2.71 -36.48 -33.13
C ALA B 128 1.79 -37.65 -33.49
N GLY B 129 2.34 -38.86 -33.58
CA GLY B 129 1.51 -40.02 -33.83
C GLY B 129 0.48 -40.22 -32.73
N ALA B 130 0.95 -40.27 -31.48
CA ALA B 130 0.06 -40.48 -30.35
C ALA B 130 -1.05 -39.43 -30.31
N ILE B 131 -0.67 -38.17 -30.47
CA ILE B 131 -1.63 -37.07 -30.48
C ILE B 131 -2.66 -37.28 -31.60
N GLY B 132 -2.20 -37.62 -32.81
CA GLY B 132 -3.13 -37.85 -33.89
C GLY B 132 -4.10 -38.97 -33.59
N GLN B 133 -3.61 -40.07 -33.01
CA GLN B 133 -4.48 -41.18 -32.62
C GLN B 133 -5.53 -40.75 -31.60
N ARG B 134 -5.14 -39.85 -30.68
CA ARG B 134 -6.11 -39.36 -29.70
C ARG B 134 -7.29 -38.68 -30.38
N LEU B 135 -7.07 -38.03 -31.51
CA LEU B 135 -8.13 -37.31 -32.21
C LEU B 135 -9.08 -38.24 -32.96
N ASN C 5 3.72 40.53 -11.97
CA ASN C 5 5.00 40.11 -11.44
C ASN C 5 5.54 40.99 -10.30
N ASP C 6 6.27 40.34 -9.37
CA ASP C 6 6.91 41.01 -8.25
C ASP C 6 7.97 42.00 -8.73
N PHE C 7 8.19 43.06 -7.95
CA PHE C 7 9.21 44.04 -8.29
C PHE C 7 10.51 43.81 -7.53
N TYR C 8 10.49 43.01 -6.47
CA TYR C 8 11.68 42.79 -5.68
C TYR C 8 12.25 41.40 -5.95
N CYS C 9 13.57 41.33 -6.03
CA CYS C 9 14.26 40.08 -6.34
C CYS C 9 13.98 39.02 -5.27
N TRP C 10 13.82 37.78 -5.72
CA TRP C 10 13.51 36.69 -4.80
C TRP C 10 14.67 36.33 -3.87
N VAL C 11 15.91 36.63 -4.24
CA VAL C 11 17.08 36.20 -3.48
C VAL C 11 17.56 37.28 -2.51
N CYS C 12 17.78 38.50 -3.00
CA CYS C 12 18.28 39.62 -2.21
C CYS C 12 17.19 40.57 -1.73
N HIS C 13 15.96 40.44 -2.25
CA HIS C 13 14.81 41.25 -1.85
C HIS C 13 14.97 42.74 -2.17
N ARG C 14 15.93 43.08 -3.02
CA ARG C 14 16.13 44.45 -3.47
C ARG C 14 15.58 44.63 -4.89
N GLU C 15 15.47 45.89 -5.32
CA GLU C 15 14.93 46.20 -6.65
C GLU C 15 16.07 46.20 -7.68
N GLY C 16 15.87 46.89 -8.81
CA GLY C 16 16.83 46.89 -9.90
C GLY C 16 16.29 46.09 -11.08
N GLN C 17 17.10 46.00 -12.13
CA GLN C 17 16.66 45.22 -13.28
C GLN C 17 16.71 43.73 -12.95
N VAL C 18 15.65 43.03 -13.37
CA VAL C 18 15.40 41.65 -12.96
C VAL C 18 14.84 40.87 -14.16
N LEU C 19 14.99 39.56 -14.08
CA LEU C 19 14.29 38.63 -14.96
C LEU C 19 12.99 38.20 -14.31
N CYS C 20 11.93 38.12 -15.12
CA CYS C 20 10.59 37.80 -14.66
C CYS C 20 10.22 36.37 -15.05
N CYS C 21 9.93 35.56 -14.05
CA CYS C 21 9.39 34.23 -14.30
C CYS C 21 8.09 34.35 -15.10
N GLU C 22 7.88 33.36 -15.97
CA GLU C 22 6.70 33.30 -16.82
C GLU C 22 5.54 32.58 -16.18
N LEU C 23 5.79 31.67 -15.23
CA LEU C 23 4.74 30.92 -14.55
C LEU C 23 4.30 31.59 -13.25
N CYS C 24 5.23 31.90 -12.39
CA CYS C 24 4.96 32.47 -11.08
C CYS C 24 5.23 33.98 -11.09
N PRO C 25 4.94 34.68 -9.98
CA PRO C 25 5.21 36.14 -9.94
C PRO C 25 6.66 36.52 -9.73
N ARG C 26 7.53 35.62 -9.27
CA ARG C 26 8.85 35.99 -8.78
C ARG C 26 9.73 36.67 -9.84
N VAL C 27 10.71 37.41 -9.37
CA VAL C 27 11.71 38.04 -10.24
C VAL C 27 13.08 37.87 -9.61
N TYR C 28 14.11 37.80 -10.46
CA TYR C 28 15.49 37.58 -10.02
C TYR C 28 16.46 38.51 -10.73
N HIS C 29 17.48 38.96 -10.01
CA HIS C 29 18.66 39.53 -10.65
C HIS C 29 19.49 38.45 -11.32
N ALA C 30 19.99 38.74 -12.53
CA ALA C 30 20.93 37.83 -13.15
C ALA C 30 22.08 37.51 -12.21
N LYS C 31 22.65 38.56 -11.59
CA LYS C 31 23.76 38.37 -10.65
C LYS C 31 23.38 37.41 -9.54
N CYS C 32 22.10 37.39 -9.14
CA CYS C 32 21.69 36.58 -8.01
C CYS C 32 21.40 35.13 -8.40
N LEU C 33 21.04 34.87 -9.65
CA LEU C 33 21.05 33.49 -10.15
C LEU C 33 22.44 32.99 -10.53
N ARG C 34 23.48 33.82 -10.38
CA ARG C 34 24.79 33.51 -10.92
C ARG C 34 24.70 33.04 -12.37
N LEU C 35 23.88 33.73 -13.16
CA LEU C 35 23.78 33.43 -14.59
C LEU C 35 25.14 33.59 -15.27
N THR C 36 25.36 32.77 -16.31
CA THR C 36 26.54 32.95 -17.15
C THR C 36 26.21 33.30 -18.59
N SER C 37 24.94 33.30 -18.97
CA SER C 37 24.50 33.78 -20.28
C SER C 37 23.09 34.30 -20.13
N GLU C 38 22.62 34.93 -21.15
CA GLU C 38 21.28 35.48 -21.05
C GLU C 38 20.25 34.44 -21.51
N PRO C 39 19.16 34.24 -20.78
CA PRO C 39 18.12 33.32 -21.24
C PRO C 39 17.54 33.75 -22.57
N GLU C 40 17.17 32.77 -23.38
CA GLU C 40 16.87 32.97 -24.79
C GLU C 40 15.44 33.42 -25.03
N GLY C 41 14.46 32.68 -24.50
CA GLY C 41 13.07 33.03 -24.72
C GLY C 41 12.29 33.15 -23.43
N ASP C 42 11.22 32.37 -23.30
CA ASP C 42 10.43 32.35 -22.07
C ASP C 42 11.22 31.66 -20.96
N TRP C 43 11.30 32.32 -19.81
CA TRP C 43 12.18 31.91 -18.72
C TRP C 43 11.36 31.38 -17.54
N PHE C 44 11.70 30.19 -17.07
CA PHE C 44 11.14 29.64 -15.85
C PHE C 44 12.18 29.71 -14.73
N CYS C 45 11.75 30.16 -13.56
CA CYS C 45 12.68 30.47 -12.48
C CYS C 45 13.07 29.19 -11.73
N PRO C 46 14.10 29.27 -10.87
CA PRO C 46 14.51 28.05 -10.16
C PRO C 46 13.43 27.42 -9.31
N GLU C 47 12.55 28.22 -8.69
CA GLU C 47 11.49 27.62 -7.88
C GLU C 47 10.51 26.84 -8.76
N CYS C 48 10.14 27.41 -9.89
CA CYS C 48 9.24 26.72 -10.82
C CYS C 48 9.88 25.47 -11.40
N GLU C 49 11.18 25.52 -11.66
CA GLU C 49 11.81 24.37 -12.28
C GLU C 49 11.99 23.25 -11.27
N LYS C 50 12.46 23.59 -10.06
CA LYS C 50 12.51 22.61 -8.97
C LYS C 50 11.16 21.92 -8.80
N ILE C 51 10.09 22.71 -8.68
CA ILE C 51 8.77 22.13 -8.50
C ILE C 51 8.43 21.22 -9.68
N THR C 52 8.67 21.70 -10.91
CA THR C 52 8.33 20.90 -12.08
C THR C 52 9.01 19.53 -12.01
N VAL C 53 10.26 19.50 -11.57
CA VAL C 53 10.96 18.22 -11.46
C VAL C 53 10.38 17.38 -10.33
N ALA C 54 10.17 17.98 -9.17
CA ALA C 54 9.74 17.21 -8.00
C ALA C 54 8.33 16.64 -8.19
N GLU C 55 7.54 17.22 -9.08
CA GLU C 55 6.18 16.76 -9.35
C GLU C 55 6.07 15.92 -10.62
N CYS C 56 7.17 15.66 -11.32
CA CYS C 56 7.13 14.75 -12.47
C CYS C 56 7.22 13.30 -12.00
N ILE C 57 6.29 12.47 -12.46
CA ILE C 57 6.19 11.10 -11.94
C ILE C 57 7.49 10.34 -12.17
N GLU C 58 8.16 10.60 -13.31
CA GLU C 58 9.41 9.94 -13.61
C GLU C 58 10.58 10.45 -12.77
N THR C 59 10.44 11.58 -12.04
CA THR C 59 11.52 12.09 -11.21
C THR C 59 11.07 12.55 -9.82
N GLN C 60 9.92 12.10 -9.33
CA GLN C 60 9.48 12.51 -8.00
C GLN C 60 10.31 11.79 -6.92
N SER C 61 10.21 12.29 -5.69
CA SER C 61 10.98 11.71 -4.59
C SER C 61 10.32 10.43 -4.10
N LYS C 62 11.09 9.63 -3.35
CA LYS C 62 10.58 8.38 -2.82
C LYS C 62 9.40 8.61 -1.88
N ALA C 63 9.40 9.73 -1.16
CA ALA C 63 8.25 10.09 -0.36
C ALA C 63 7.03 10.44 -1.22
N MET C 64 7.24 11.05 -2.38
CA MET C 64 6.11 11.45 -3.21
C MET C 64 5.49 10.28 -3.95
N THR C 65 6.31 9.31 -4.38
CA THR C 65 5.76 8.10 -4.98
C THR C 65 4.67 7.49 -4.10
N MET C 66 4.91 7.44 -2.79
CA MET C 66 4.03 6.72 -1.88
C MET C 66 2.94 7.60 -1.27
N LEU C 67 2.87 8.88 -1.63
CA LEU C 67 1.83 9.76 -1.12
C LEU C 67 0.94 10.23 -2.26
N THR C 68 -0.37 10.27 -2.02
CA THR C 68 -1.26 11.03 -2.88
C THR C 68 -1.26 12.50 -2.46
N ILE C 69 -1.83 13.35 -3.30
CA ILE C 69 -1.83 14.78 -2.99
C ILE C 69 -2.62 15.05 -1.71
N GLU C 70 -3.62 14.22 -1.42
CA GLU C 70 -4.46 14.43 -0.25
CA GLU C 70 -4.47 14.43 -0.25
C GLU C 70 -3.72 14.06 1.02
N GLN C 71 -3.08 12.90 1.04
CA GLN C 71 -2.27 12.50 2.19
C GLN C 71 -1.23 13.57 2.49
N LEU C 72 -0.50 13.98 1.45
CA LEU C 72 0.52 15.00 1.63
C LEU C 72 -0.08 16.28 2.20
N SER C 73 -1.31 16.62 1.78
CA SER C 73 -1.96 17.79 2.36
C SER C 73 -2.16 17.62 3.87
N TYR C 74 -2.57 16.43 4.30
CA TYR C 74 -2.71 16.17 5.74
CA TYR C 74 -2.70 16.14 5.74
C TYR C 74 -1.37 16.39 6.48
N LEU C 75 -0.28 15.83 5.94
CA LEU C 75 1.02 16.07 6.55
C LEU C 75 1.35 17.55 6.58
N LEU C 76 1.00 18.28 5.51
CA LEU C 76 1.27 19.72 5.49
C LEU C 76 0.51 20.45 6.60
N LYS C 77 -0.75 20.08 6.84
CA LYS C 77 -1.47 20.66 7.98
C LYS C 77 -0.68 20.50 9.26
N PHE C 78 -0.16 19.28 9.51
CA PHE C 78 0.69 19.11 10.69
C PHE C 78 1.88 20.08 10.70
N ALA C 79 2.50 20.28 9.52
CA ALA C 79 3.65 21.17 9.44
C ALA C 79 3.26 22.63 9.72
N ILE C 80 2.10 23.07 9.22
CA ILE C 80 1.62 24.41 9.54
C ILE C 80 1.50 24.56 11.04
N GLN C 81 0.92 23.55 11.70
CA GLN C 81 0.80 23.62 13.15
C GLN C 81 2.17 23.78 13.82
N LYS C 82 3.20 23.06 13.33
CA LYS C 82 4.53 23.25 13.93
C LYS C 82 5.10 24.63 13.61
N MET C 83 4.68 25.27 12.53
CA MET C 83 5.19 26.60 12.23
C MET C 83 4.59 27.67 13.14
N LYS C 84 3.36 27.51 13.61
CA LYS C 84 2.74 28.53 14.47
C LYS C 84 3.24 28.44 15.92
N GLN C 85 4.54 28.58 16.08
CA GLN C 85 5.11 28.63 17.41
C GLN C 85 4.65 29.89 18.15
N PRO C 86 4.66 29.86 19.48
CA PRO C 86 4.35 31.09 20.24
C PRO C 86 5.38 32.17 19.95
N GLY C 87 4.89 33.31 19.47
CA GLY C 87 5.71 34.43 19.01
C GLY C 87 5.47 34.81 17.56
N THR C 88 4.64 34.06 16.84
CA THR C 88 4.50 34.17 15.40
C THR C 88 3.20 34.87 15.00
N ASP C 89 2.62 35.67 15.90
CA ASP C 89 1.30 36.25 15.68
C ASP C 89 1.27 37.14 14.44
N ALA C 90 2.35 37.87 14.18
CA ALA C 90 2.38 38.78 13.04
C ALA C 90 2.22 38.09 11.68
N PHE C 91 2.31 36.77 11.63
CA PHE C 91 2.23 36.07 10.35
C PHE C 91 1.07 35.09 10.27
N GLN C 92 0.19 35.05 11.27
CA GLN C 92 -0.85 34.04 11.26
C GLN C 92 -2.06 34.44 10.42
N LYS C 93 -2.29 35.74 10.21
CA LYS C 93 -3.43 36.23 9.44
C LYS C 93 -2.96 37.33 8.50
N PRO C 94 -3.61 37.49 7.34
CA PRO C 94 -3.15 38.48 6.37
C PRO C 94 -3.05 39.88 6.96
N VAL C 95 -2.06 40.65 6.49
CA VAL C 95 -1.83 41.98 7.06
C VAL C 95 -2.99 42.89 6.69
N PRO C 96 -3.61 43.57 7.65
CA PRO C 96 -4.76 44.42 7.31
C PRO C 96 -4.32 45.74 6.70
N LEU C 97 -5.09 46.20 5.72
CA LEU C 97 -4.83 47.54 5.18
C LEU C 97 -5.13 48.63 6.20
N GLU C 98 -5.99 48.35 7.19
CA GLU C 98 -6.24 49.33 8.25
C GLU C 98 -4.99 49.54 9.10
N GLN C 99 -4.20 48.50 9.31
CA GLN C 99 -2.96 48.67 10.06
C GLN C 99 -1.83 49.24 9.20
N HIS C 100 -1.76 48.88 7.91
CA HIS C 100 -0.70 49.35 7.02
C HIS C 100 -1.29 49.69 5.66
N PRO C 101 -1.76 50.93 5.47
CA PRO C 101 -2.46 51.25 4.21
C PRO C 101 -1.56 51.19 2.99
N ASP C 102 -0.27 51.40 3.15
CA ASP C 102 0.63 51.39 2.00
C ASP C 102 1.09 49.98 1.63
N TYR C 103 0.57 48.93 2.29
CA TYR C 103 1.16 47.60 2.16
C TYR C 103 1.17 47.12 0.71
N ALA C 104 0.02 47.24 0.03
CA ALA C 104 -0.08 46.77 -1.34
C ALA C 104 0.90 47.47 -2.27
N GLU C 105 1.41 48.65 -1.88
CA GLU C 105 2.37 49.37 -2.71
C GLU C 105 3.73 48.69 -2.75
N TYR C 106 4.01 47.77 -1.81
CA TYR C 106 5.28 47.04 -1.77
C TYR C 106 5.16 45.54 -1.97
N ILE C 107 4.06 44.92 -1.55
CA ILE C 107 3.94 43.47 -1.54
C ILE C 107 3.02 43.05 -2.67
N PHE C 108 3.60 42.51 -3.74
CA PHE C 108 2.83 42.08 -4.89
C PHE C 108 2.07 40.78 -4.60
N HIS C 109 2.54 39.98 -3.66
CA HIS C 109 1.97 38.65 -3.46
C HIS C 109 1.97 38.36 -1.98
N PRO C 110 0.90 38.73 -1.28
CA PRO C 110 0.87 38.55 0.17
C PRO C 110 0.78 37.08 0.53
N MET C 111 1.18 36.77 1.76
CA MET C 111 1.14 35.38 2.22
C MET C 111 1.18 35.33 3.73
N ASP C 112 0.41 34.42 4.30
CA ASP C 112 0.38 34.22 5.73
C ASP C 112 0.13 32.74 6.00
N LEU C 113 0.33 32.35 7.27
CA LEU C 113 0.17 30.94 7.63
C LEU C 113 -1.27 30.47 7.46
N CYS C 114 -2.24 31.34 7.69
CA CYS C 114 -3.63 30.94 7.48
C CYS C 114 -3.89 30.62 6.01
N THR C 115 -3.36 31.44 5.11
CA THR C 115 -3.52 31.17 3.68
C THR C 115 -2.82 29.87 3.28
N LEU C 116 -1.56 29.68 3.73
CA LEU C 116 -0.90 28.40 3.57
C LEU C 116 -1.82 27.26 3.98
N GLU C 117 -2.42 27.37 5.17
CA GLU C 117 -3.30 26.33 5.68
C GLU C 117 -4.46 26.07 4.72
N LYS C 118 -5.23 27.11 4.37
CA LYS C 118 -6.37 26.93 3.48
C LYS C 118 -5.94 26.34 2.13
N ASN C 119 -4.79 26.79 1.60
CA ASN C 119 -4.32 26.27 0.31
C ASN C 119 -3.96 24.79 0.42
N ALA C 120 -3.17 24.44 1.42
CA ALA C 120 -2.95 23.02 1.70
C ALA C 120 -4.27 22.26 1.75
N LYS C 121 -5.28 22.82 2.44
CA LYS C 121 -6.56 22.12 2.57
C LYS C 121 -7.20 21.90 1.20
N LYS C 122 -7.11 22.92 0.32
CA LYS C 122 -7.63 22.91 -1.05
C LYS C 122 -6.73 22.11 -1.98
N LYS C 123 -5.83 21.36 -1.34
CA LYS C 123 -4.98 20.37 -1.99
C LYS C 123 -4.25 20.95 -3.20
N MET C 124 -3.67 22.15 -3.03
CA MET C 124 -2.97 22.79 -4.13
C MET C 124 -1.45 22.80 -3.95
N TYR C 125 -0.89 21.83 -3.23
CA TYR C 125 0.56 21.59 -3.21
C TYR C 125 0.83 20.16 -3.65
N GLY C 126 1.53 20.00 -4.77
CA GLY C 126 1.83 18.68 -5.27
C GLY C 126 3.09 18.08 -4.72
N CYS C 127 3.83 18.80 -3.89
CA CYS C 127 5.11 18.29 -3.40
C CYS C 127 5.54 19.19 -2.26
N THR C 128 6.50 18.72 -1.46
CA THR C 128 6.92 19.52 -0.33
C THR C 128 7.62 20.81 -0.78
N GLU C 129 8.27 20.78 -1.95
CA GLU C 129 8.96 21.97 -2.44
C GLU C 129 7.97 23.07 -2.77
N ALA C 130 6.88 22.72 -3.44
CA ALA C 130 5.79 23.66 -3.66
C ALA C 130 5.46 24.37 -2.35
N PHE C 131 5.35 23.59 -1.26
CA PHE C 131 4.90 24.16 0.01
C PHE C 131 5.93 25.12 0.59
N LEU C 132 7.21 24.72 0.65
CA LEU C 132 8.20 25.61 1.25
C LEU C 132 8.38 26.87 0.40
N ALA C 133 8.25 26.72 -0.93
CA ALA C 133 8.39 27.86 -1.83
C ALA C 133 7.28 28.87 -1.58
N ASP C 134 6.06 28.39 -1.40
CA ASP C 134 4.98 29.29 -1.06
C ASP C 134 5.21 29.93 0.30
N ALA C 135 5.71 29.14 1.26
CA ALA C 135 5.94 29.65 2.61
C ALA C 135 6.90 30.83 2.59
N LYS C 136 7.96 30.73 1.78
CA LYS C 136 9.02 31.73 1.76
C LYS C 136 8.51 33.12 1.38
N TRP C 137 7.36 33.22 0.73
CA TRP C 137 6.74 34.52 0.50
C TRP C 137 6.62 35.32 1.79
N ILE C 138 6.24 34.66 2.89
CA ILE C 138 6.10 35.33 4.19
C ILE C 138 7.38 36.06 4.54
N LEU C 139 8.52 35.37 4.43
CA LEU C 139 9.79 35.99 4.79
C LEU C 139 10.19 37.07 3.79
N HIS C 140 10.13 36.75 2.50
CA HIS C 140 10.43 37.73 1.45
C HIS C 140 9.68 39.03 1.71
N ASN C 141 8.38 38.93 1.97
CA ASN C 141 7.57 40.13 2.13
C ASN C 141 7.91 40.85 3.42
N CYS C 142 8.22 40.08 4.46
CA CYS C 142 8.67 40.68 5.70
C CYS C 142 9.92 41.51 5.47
N ILE C 143 10.88 40.99 4.72
CA ILE C 143 12.11 41.73 4.50
C ILE C 143 11.82 42.98 3.68
N ILE C 144 10.95 42.85 2.69
CA ILE C 144 10.65 44.01 1.86
C ILE C 144 10.03 45.12 2.68
N TYR C 145 9.04 44.78 3.51
CA TYR C 145 8.27 45.85 4.14
C TYR C 145 8.84 46.30 5.48
N ASN C 146 9.53 45.42 6.20
CA ASN C 146 10.09 45.76 7.50
C ASN C 146 11.61 45.82 7.51
N GLY C 147 12.28 45.38 6.46
CA GLY C 147 13.73 45.42 6.46
C GLY C 147 14.35 44.17 7.05
N GLY C 148 15.53 43.82 6.51
CA GLY C 148 16.18 42.57 6.85
C GLY C 148 16.63 42.44 8.29
N ASN C 149 16.87 43.56 8.96
CA ASN C 149 17.29 43.51 10.36
C ASN C 149 16.14 43.74 11.34
N HIS C 150 14.90 43.67 10.88
CA HIS C 150 13.77 43.85 11.77
C HIS C 150 13.59 42.63 12.68
N LYS C 151 12.94 42.88 13.82
CA LYS C 151 12.59 41.79 14.74
C LYS C 151 11.63 40.80 14.09
N LEU C 152 10.58 41.33 13.44
CA LEU C 152 9.64 40.45 12.74
C LEU C 152 10.36 39.60 11.71
N THR C 153 11.30 40.19 10.99
CA THR C 153 12.10 39.42 10.06
C THR C 153 12.82 38.26 10.76
N GLN C 154 13.26 38.47 12.00
CA GLN C 154 13.87 37.38 12.75
CA GLN C 154 13.88 37.37 12.73
C GLN C 154 12.88 36.25 12.99
N ILE C 155 11.63 36.61 13.32
CA ILE C 155 10.61 35.59 13.53
C ILE C 155 10.32 34.85 12.21
N ALA C 156 10.19 35.61 11.11
CA ALA C 156 9.91 34.98 9.83
C ALA C 156 11.01 34.03 9.41
N LYS C 157 12.25 34.35 9.79
CA LYS C 157 13.34 33.40 9.59
C LYS C 157 13.10 32.13 10.40
N VAL C 158 12.61 32.27 11.63
CA VAL C 158 12.36 31.04 12.39
C VAL C 158 11.30 30.20 11.69
N VAL C 159 10.20 30.81 11.24
CA VAL C 159 9.12 29.96 10.71
C VAL C 159 9.53 29.35 9.36
N ILE C 160 10.33 30.04 8.57
CA ILE C 160 10.75 29.39 7.34
C ILE C 160 11.74 28.27 7.65
N LYS C 161 12.50 28.40 8.75
CA LYS C 161 13.42 27.33 9.10
C LYS C 161 12.67 26.10 9.65
N ILE C 162 11.64 26.32 10.47
CA ILE C 162 10.81 25.19 10.89
C ILE C 162 10.18 24.53 9.67
N CYS C 163 9.71 25.34 8.71
CA CYS C 163 9.12 24.79 7.50
C CYS C 163 10.10 23.88 6.76
N GLU C 164 11.30 24.40 6.44
CA GLU C 164 12.35 23.56 5.86
C GLU C 164 12.49 22.24 6.62
N HIS C 165 12.60 22.33 7.95
CA HIS C 165 12.84 21.15 8.77
C HIS C 165 11.71 20.11 8.62
N GLU C 166 10.46 20.57 8.70
CA GLU C 166 9.36 19.63 8.56
C GLU C 166 9.28 19.03 7.16
N MET C 167 9.50 19.85 6.11
CA MET C 167 9.54 19.28 4.76
C MET C 167 10.57 18.17 4.66
N ASN C 168 11.74 18.38 5.26
CA ASN C 168 12.77 17.36 5.22
C ASN C 168 12.31 16.11 5.95
N GLU C 169 11.66 16.25 7.12
CA GLU C 169 11.16 15.07 7.82
C GLU C 169 10.19 14.29 6.95
N ILE C 170 9.23 14.97 6.34
CA ILE C 170 8.27 14.31 5.47
C ILE C 170 8.99 13.56 4.37
N GLU C 171 10.04 14.18 3.80
CA GLU C 171 10.76 13.54 2.71
C GLU C 171 11.61 12.36 3.18
N VAL C 172 12.14 12.38 4.40
CA VAL C 172 12.89 11.24 4.90
C VAL C 172 11.99 10.01 5.00
N CYS C 173 10.83 10.18 5.66
CA CYS C 173 9.80 9.14 5.69
C CYS C 173 8.43 9.71 6.04
N PRO C 174 7.50 9.73 5.09
CA PRO C 174 6.13 10.18 5.40
C PRO C 174 5.48 9.39 6.51
N GLU C 175 5.67 8.08 6.54
CA GLU C 175 4.96 7.24 7.51
C GLU C 175 5.49 7.47 8.93
N CYS C 176 6.81 7.49 9.07
CA CYS C 176 7.41 7.96 10.31
C CYS C 176 6.80 9.28 10.74
N TYR C 177 6.76 10.25 9.81
CA TYR C 177 6.30 11.59 10.13
C TYR C 177 4.89 11.57 10.69
N LEU C 178 3.96 10.95 9.95
CA LEU C 178 2.59 10.89 10.42
C LEU C 178 2.48 10.19 11.78
N ALA C 179 3.20 9.07 11.96
CA ALA C 179 3.10 8.38 13.25
C ALA C 179 3.64 9.24 14.39
N ALA C 180 4.62 10.10 14.10
CA ALA C 180 5.18 10.97 15.12
C ALA C 180 4.28 12.17 15.38
N CYS C 181 3.51 12.57 14.38
CA CYS C 181 2.57 13.66 14.58
C CYS C 181 1.40 13.21 15.43
N GLN C 182 0.84 12.04 15.14
CA GLN C 182 -0.30 11.59 15.92
C GLN C 182 0.10 11.14 17.31
N LYS C 183 1.24 10.45 17.44
CA LYS C 183 1.75 9.95 18.72
C LYS C 183 0.73 9.03 19.40
N ARG C 184 0.31 8.00 18.67
CA ARG C 184 -0.60 7.03 19.24
C ARG C 184 0.17 6.07 20.15
N ASP C 185 -0.49 4.99 20.56
CA ASP C 185 0.12 4.02 21.47
C ASP C 185 1.35 3.39 20.85
N ASN C 186 2.51 3.64 21.47
CA ASN C 186 3.77 3.08 21.01
C ASN C 186 4.06 3.44 19.55
N TRP C 187 3.80 4.70 19.20
CA TRP C 187 3.88 5.08 17.79
C TRP C 187 5.23 4.75 17.17
N PHE C 188 6.31 4.84 17.95
CA PHE C 188 7.63 4.51 17.44
C PHE C 188 7.75 3.04 17.05
N CYS C 189 6.90 2.17 17.58
CA CYS C 189 7.05 0.75 17.31
C CYS C 189 6.32 0.28 16.04
N GLU C 190 5.65 1.16 15.30
CA GLU C 190 4.92 0.74 14.11
C GLU C 190 5.87 0.59 12.92
N PRO C 191 5.94 -0.59 12.32
CA PRO C 191 6.75 -0.73 11.10
C PRO C 191 6.17 0.14 9.98
N CYS C 192 7.08 0.68 9.16
CA CYS C 192 6.69 1.35 7.93
C CYS C 192 6.56 0.35 6.80
N SER C 193 5.84 0.78 5.75
CA SER C 193 5.54 -0.09 4.61
C SER C 193 6.80 -0.65 3.96
N ASN C 194 7.83 0.17 3.82
CA ASN C 194 9.16 -0.37 3.53
C ASN C 194 10.00 -0.25 4.80
N PRO C 195 10.11 -1.33 5.59
CA PRO C 195 10.63 -1.18 6.96
C PRO C 195 12.11 -0.90 6.97
N HIS C 196 12.50 0.12 7.73
CA HIS C 196 13.90 0.45 7.90
C HIS C 196 14.61 -0.66 8.68
N PRO C 197 15.76 -1.12 8.20
CA PRO C 197 16.48 -2.17 8.92
C PRO C 197 16.89 -1.67 10.30
N LEU C 198 16.87 -2.58 11.28
CA LEU C 198 17.29 -2.27 12.65
C LEU C 198 18.78 -2.52 12.79
N VAL C 199 19.46 -1.59 13.45
CA VAL C 199 20.92 -1.60 13.52
C VAL C 199 21.37 -1.25 14.92
N TRP C 200 22.60 -1.64 15.22
CA TRP C 200 23.37 -1.04 16.30
C TRP C 200 24.04 0.22 15.75
N ALA C 201 23.59 1.37 16.20
CA ALA C 201 24.17 2.64 15.82
C ALA C 201 25.18 3.05 16.88
N LYS C 202 26.20 3.80 16.48
CA LYS C 202 27.19 4.23 17.45
C LYS C 202 27.61 5.67 17.25
N LEU C 203 27.40 6.49 18.28
CA LEU C 203 27.95 7.83 18.37
C LEU C 203 29.22 7.84 19.23
N LYS C 204 30.08 8.83 18.99
CA LYS C 204 31.25 8.95 19.84
C LYS C 204 30.81 9.07 21.30
N GLY C 205 31.50 8.34 22.17
CA GLY C 205 31.32 8.41 23.60
C GLY C 205 30.00 7.90 24.12
N PHE C 206 29.24 7.16 23.32
CA PHE C 206 27.97 6.58 23.71
C PHE C 206 27.95 5.13 23.27
N PRO C 207 27.38 4.22 24.07
CA PRO C 207 27.39 2.81 23.69
C PRO C 207 26.55 2.55 22.44
N PHE C 208 26.83 1.43 21.79
CA PHE C 208 25.97 0.93 20.75
C PHE C 208 24.51 0.99 21.18
N TRP C 209 23.63 1.35 20.24
CA TRP C 209 22.24 1.63 20.58
C TRP C 209 21.30 1.15 19.48
N PRO C 210 20.18 0.54 19.83
CA PRO C 210 19.26 0.05 18.81
C PRO C 210 18.65 1.22 18.05
N ALA C 211 18.53 1.08 16.73
CA ALA C 211 18.09 2.22 15.96
C ALA C 211 17.50 1.78 14.63
N LYS C 212 16.66 2.66 14.08
CA LYS C 212 16.22 2.54 12.71
C LYS C 212 17.21 3.20 11.75
N ALA C 213 17.68 2.42 10.78
CA ALA C 213 18.47 2.98 9.67
C ALA C 213 17.53 3.61 8.63
N LEU C 214 17.40 4.95 8.67
CA LEU C 214 16.44 5.61 7.78
C LEU C 214 16.99 5.86 6.38
N ARG C 215 18.32 5.99 6.22
CA ARG C 215 18.94 6.33 4.94
C ARG C 215 20.46 6.36 5.10
N ASP C 216 21.16 6.28 3.95
CA ASP C 216 22.62 6.32 3.88
C ASP C 216 23.07 7.42 2.94
N LYS C 217 24.09 8.18 3.34
CA LYS C 217 24.72 9.15 2.46
C LYS C 217 26.20 9.23 2.81
N ASP C 218 27.05 8.92 1.83
CA ASP C 218 28.50 9.17 1.90
C ASP C 218 29.12 8.61 3.20
N GLY C 219 28.89 7.32 3.42
CA GLY C 219 29.46 6.64 4.57
C GLY C 219 28.77 6.85 5.89
N GLN C 220 27.60 7.46 5.92
CA GLN C 220 26.87 7.64 7.16
C GLN C 220 25.51 6.99 7.03
N VAL C 221 24.89 6.68 8.15
CA VAL C 221 23.51 6.25 8.15
C VAL C 221 22.76 7.12 9.16
N ASP C 222 21.53 7.45 8.83
CA ASP C 222 20.70 8.35 9.61
C ASP C 222 19.86 7.49 10.55
N ALA C 223 20.30 7.37 11.81
CA ALA C 223 19.68 6.45 12.75
C ALA C 223 18.66 7.18 13.61
N ARG C 224 17.46 6.59 13.74
CA ARG C 224 16.47 7.04 14.73
C ARG C 224 16.49 6.06 15.88
N PHE C 225 16.92 6.55 17.05
CA PHE C 225 17.26 5.72 18.18
C PHE C 225 16.01 5.27 18.92
N PHE C 226 15.94 3.99 19.22
CA PHE C 226 14.97 3.51 20.19
C PHE C 226 15.18 4.19 21.54
N GLY C 227 14.13 4.17 22.35
CA GLY C 227 14.16 4.86 23.62
C GLY C 227 14.03 6.35 23.46
N GLN C 228 15.07 7.00 22.95
CA GLN C 228 15.12 8.46 22.96
C GLN C 228 14.41 9.10 21.78
N HIS C 229 14.37 8.40 20.64
CA HIS C 229 13.55 8.72 19.48
C HIS C 229 14.06 9.90 18.67
N ASP C 230 15.24 10.43 18.95
CA ASP C 230 15.82 11.39 18.03
C ASP C 230 16.61 10.67 16.95
N ARG C 231 17.14 11.44 16.00
CA ARG C 231 17.83 10.92 14.83
C ARG C 231 19.17 11.60 14.72
N ALA C 232 20.19 10.86 14.30
CA ALA C 232 21.54 11.38 14.14
C ALA C 232 22.35 10.48 13.20
N TRP C 233 23.31 11.10 12.51
CA TRP C 233 24.19 10.34 11.62
C TRP C 233 25.20 9.55 12.42
N VAL C 234 25.43 8.32 11.99
CA VAL C 234 26.47 7.49 12.58
C VAL C 234 27.29 6.89 11.45
N PRO C 235 28.57 6.65 11.66
CA PRO C 235 29.41 6.07 10.60
C PRO C 235 28.91 4.69 10.19
N ILE C 236 28.74 4.52 8.88
CA ILE C 236 28.40 3.22 8.31
C ILE C 236 29.36 2.15 8.83
N ASN C 237 30.64 2.50 9.01
CA ASN C 237 31.69 1.51 9.20
C ASN C 237 31.73 0.93 10.61
N ASN C 238 30.98 1.48 11.56
CA ASN C 238 30.77 0.84 12.85
C ASN C 238 29.28 0.68 13.12
N CYS C 239 28.55 0.25 12.11
CA CYS C 239 27.12 0.01 12.17
C CYS C 239 26.86 -1.45 11.80
N TYR C 240 26.01 -2.13 12.58
CA TYR C 240 25.80 -3.56 12.43
C TYR C 240 24.32 -3.88 12.47
N LEU C 241 23.93 -4.89 11.71
CA LEU C 241 22.54 -5.33 11.74
C LEU C 241 22.19 -5.85 13.13
N MET C 242 20.94 -5.58 13.54
CA MET C 242 20.47 -5.99 14.86
C MET C 242 20.71 -7.48 15.09
N SER C 243 21.14 -7.81 16.30
CA SER C 243 21.53 -9.16 16.69
C SER C 243 21.10 -9.41 18.12
N LYS C 244 21.24 -10.66 18.56
CA LYS C 244 21.00 -10.98 19.96
C LYS C 244 22.16 -10.57 20.87
N GLU C 245 23.38 -10.61 20.37
CA GLU C 245 24.52 -10.17 21.17
C GLU C 245 24.94 -8.78 20.72
N ILE C 246 25.21 -7.91 21.70
CA ILE C 246 25.56 -6.52 21.46
C ILE C 246 27.01 -6.44 20.95
N PRO C 247 27.32 -5.53 20.01
CA PRO C 247 28.71 -5.40 19.54
C PRO C 247 29.75 -5.15 20.62
N PHE C 248 29.44 -4.35 21.66
CA PHE C 248 30.31 -4.21 22.83
C PHE C 248 29.45 -4.09 24.09
N SER C 249 29.86 -3.29 25.07
CA SER C 249 29.10 -3.18 26.33
C SER C 249 28.82 -1.73 26.78
N LYS C 252 27.73 0.48 31.70
CA LYS C 252 27.41 1.64 30.87
C LYS C 252 26.28 2.52 31.47
N THR C 253 25.12 2.58 30.77
CA THR C 253 23.91 3.25 31.29
C THR C 253 22.74 2.26 31.17
N LYS C 254 22.77 1.25 32.03
CA LYS C 254 22.03 0.01 31.79
C LYS C 254 20.52 0.26 31.68
N SER C 255 19.95 1.05 32.58
CA SER C 255 18.49 1.06 32.76
C SER C 255 17.77 1.57 31.51
N ILE C 256 18.15 2.73 30.99
CA ILE C 256 17.50 3.29 29.80
C ILE C 256 17.76 2.41 28.60
N PHE C 257 18.94 1.77 28.56
CA PHE C 257 19.21 0.81 27.50
C PHE C 257 18.21 -0.34 27.52
N ASN C 258 17.94 -0.91 28.69
CA ASN C 258 16.94 -1.99 28.77
C ASN C 258 15.56 -1.51 28.35
N SER C 259 15.21 -0.27 28.71
CA SER C 259 13.96 0.27 28.18
C SER C 259 13.96 0.29 26.65
N ALA C 260 15.01 0.87 26.05
CA ALA C 260 15.08 0.93 24.59
C ALA C 260 15.01 -0.46 23.96
N MET C 261 15.72 -1.43 24.54
CA MET C 261 15.66 -2.81 24.06
C MET C 261 14.24 -3.33 24.07
N GLN C 262 13.53 -3.16 25.19
CA GLN C 262 12.14 -3.59 25.23
C GLN C 262 11.33 -2.96 24.12
N GLU C 263 11.54 -1.68 23.87
CA GLU C 263 10.79 -0.99 22.83
C GLU C 263 11.12 -1.56 21.46
N MET C 264 12.40 -1.83 21.22
CA MET C 264 12.80 -2.48 19.99
C MET C 264 12.15 -3.85 19.83
N GLU C 265 12.06 -4.61 20.93
CA GLU C 265 11.49 -5.95 20.86
C GLU C 265 9.99 -5.91 20.54
N VAL C 266 9.28 -4.89 21.07
CA VAL C 266 7.91 -4.67 20.65
C VAL C 266 7.86 -4.41 19.16
N TYR C 267 8.76 -3.56 18.67
CA TYR C 267 8.82 -3.31 17.24
C TYR C 267 9.03 -4.61 16.46
N VAL C 268 9.93 -5.48 16.94
CA VAL C 268 10.18 -6.74 16.26
C VAL C 268 8.91 -7.57 16.17
N GLU C 269 8.17 -7.63 17.29
CA GLU C 269 6.93 -8.38 17.26
C GLU C 269 5.97 -7.81 16.23
N ASN C 270 5.85 -6.47 16.19
CA ASN C 270 4.98 -5.85 15.19
C ASN C 270 5.43 -6.15 13.77
N ILE C 271 6.75 -6.15 13.52
CA ILE C 271 7.23 -6.46 12.17
C ILE C 271 6.90 -7.92 11.83
N ARG C 272 7.03 -8.82 12.81
CA ARG C 272 6.66 -10.20 12.56
C ARG C 272 5.18 -10.35 12.26
N ARG C 273 4.31 -9.55 12.88
CA ARG C 273 2.90 -9.66 12.55
C ARG C 273 2.57 -8.98 11.22
N LYS C 274 3.26 -7.89 10.87
CA LYS C 274 2.95 -7.21 9.61
C LYS C 274 3.48 -7.99 8.41
N PHE C 275 4.72 -8.49 8.48
CA PHE C 275 5.39 -9.04 7.32
C PHE C 275 5.69 -10.53 7.42
N GLY C 276 5.73 -11.09 8.62
CA GLY C 276 5.88 -12.51 8.80
C GLY C 276 7.26 -12.93 9.26
N VAL C 277 8.24 -12.04 9.15
CA VAL C 277 9.60 -12.39 9.53
C VAL C 277 10.29 -11.21 10.19
N PHE C 278 11.26 -11.52 11.03
CA PHE C 278 12.35 -10.59 11.32
C PHE C 278 13.55 -11.44 11.63
N ASN C 279 14.62 -11.28 10.86
CA ASN C 279 15.78 -12.12 11.01
C ASN C 279 16.88 -11.38 11.77
N TYR C 280 17.22 -11.89 12.95
CA TYR C 280 18.39 -11.39 13.66
C TYR C 280 19.67 -11.78 12.93
N SER C 281 20.70 -10.98 13.12
CA SER C 281 21.96 -11.22 12.44
C SER C 281 22.96 -11.89 13.38
N PRO C 282 23.97 -12.55 12.81
CA PRO C 282 25.12 -12.95 13.62
C PRO C 282 25.82 -11.74 14.21
N PHE C 283 26.52 -12.00 15.30
CA PHE C 283 27.32 -11.00 16.00
C PHE C 283 28.14 -10.17 15.02
N ARG C 284 28.09 -8.85 15.19
CA ARG C 284 28.88 -7.92 14.40
C ARG C 284 28.78 -8.19 12.89
N THR C 285 27.55 -8.24 12.38
CA THR C 285 27.35 -8.24 10.93
C THR C 285 27.28 -6.81 10.45
N PRO C 286 28.19 -6.37 9.58
CA PRO C 286 28.22 -4.95 9.19
C PRO C 286 26.99 -4.57 8.37
N TYR C 287 26.32 -3.50 8.81
CA TYR C 287 25.22 -2.94 8.03
C TYR C 287 25.69 -2.55 6.65
N THR C 288 24.94 -2.93 5.64
CA THR C 288 25.20 -2.48 4.28
C THR C 288 24.04 -1.62 3.83
N PRO C 289 24.26 -0.72 2.89
CA PRO C 289 23.14 0.09 2.38
C PRO C 289 22.10 -0.80 1.71
N ASN C 290 20.84 -0.40 1.84
CA ASN C 290 19.71 -1.11 1.25
C ASN C 290 19.72 -2.58 1.66
N SER C 291 20.17 -2.85 2.89
CA SER C 291 20.24 -4.21 3.36
C SER C 291 18.85 -4.83 3.33
N GLN C 292 18.79 -6.12 3.01
CA GLN C 292 17.53 -6.83 3.01
C GLN C 292 17.51 -8.07 3.90
N TYR C 293 18.65 -8.40 4.55
CA TYR C 293 18.77 -9.66 5.28
C TYR C 293 17.62 -9.85 6.26
N GLN C 294 17.21 -8.79 6.95
CA GLN C 294 16.19 -8.91 7.98
C GLN C 294 14.82 -9.33 7.43
N MET C 295 14.55 -9.07 6.15
CA MET C 295 13.28 -9.40 5.55
C MET C 295 13.32 -10.65 4.69
N LEU C 296 14.39 -11.44 4.78
CA LEU C 296 14.49 -12.64 3.97
C LEU C 296 13.53 -13.71 4.45
N LEU C 297 12.82 -14.34 3.51
CA LEU C 297 11.93 -15.44 3.86
C LEU C 297 12.71 -16.63 4.41
N ASP C 298 13.88 -16.87 3.88
CA ASP C 298 14.75 -17.86 4.47
C ASP C 298 16.15 -17.28 4.50
N PRO C 299 16.64 -16.92 5.68
CA PRO C 299 18.01 -16.40 5.76
C PRO C 299 19.04 -17.35 5.20
N THR C 300 18.80 -18.66 5.33
CA THR C 300 19.67 -19.65 4.71
C THR C 300 19.73 -19.47 3.20
N ASN C 301 18.64 -19.05 2.58
CA ASN C 301 18.46 -19.12 1.13
C ASN C 301 17.92 -17.78 0.60
N PRO C 302 18.80 -16.81 0.35
CA PRO C 302 18.33 -15.50 -0.14
C PRO C 302 17.51 -15.57 -1.42
N SER C 303 17.69 -16.59 -2.26
CA SER C 303 16.97 -16.62 -3.53
C SER C 303 15.46 -16.66 -3.35
N ALA C 304 14.96 -17.09 -2.20
CA ALA C 304 13.53 -17.09 -1.94
C ALA C 304 12.93 -15.68 -1.90
N GLY C 305 13.74 -14.66 -1.70
CA GLY C 305 13.24 -13.31 -1.68
C GLY C 305 12.81 -12.86 -0.29
N THR C 306 12.14 -11.73 -0.27
CA THR C 306 11.74 -11.05 0.96
C THR C 306 10.22 -10.99 1.08
N ALA C 307 9.75 -10.56 2.24
CA ALA C 307 8.33 -10.36 2.44
C ALA C 307 7.83 -9.17 1.62
N LYS C 308 6.68 -9.35 0.97
CA LYS C 308 6.12 -8.33 0.09
C LYS C 308 5.57 -7.14 0.87
N GLY D 3 -11.46 -23.61 27.03
CA GLY D 3 -10.91 -24.17 25.81
C GLY D 3 -11.82 -24.11 24.60
N ARG D 4 -12.30 -22.90 24.28
CA ARG D 4 -13.30 -22.70 23.24
C ARG D 4 -12.81 -21.88 22.05
N ASN D 5 -11.54 -21.48 22.02
CA ASN D 5 -11.05 -20.62 20.93
C ASN D 5 -9.65 -21.03 20.49
N ASP D 6 -9.30 -20.54 19.31
CA ASP D 6 -7.94 -20.58 18.78
C ASP D 6 -6.97 -19.84 19.72
N PHE D 7 -5.68 -20.06 19.51
CA PHE D 7 -4.67 -19.27 20.21
C PHE D 7 -3.84 -18.38 19.29
N TYR D 8 -4.03 -18.49 17.97
CA TYR D 8 -3.24 -17.75 17.00
C TYR D 8 -4.12 -16.74 16.28
N CYS D 9 -3.62 -15.51 16.19
CA CYS D 9 -4.40 -14.42 15.60
C CYS D 9 -4.83 -14.78 14.18
N TRP D 10 -6.11 -14.58 13.89
CA TRP D 10 -6.62 -14.91 12.56
C TRP D 10 -5.92 -14.13 11.46
N VAL D 11 -5.51 -12.89 11.72
CA VAL D 11 -4.90 -12.05 10.69
C VAL D 11 -3.42 -12.38 10.51
N CYS D 12 -2.63 -12.39 11.60
CA CYS D 12 -1.18 -12.52 11.47
C CYS D 12 -0.65 -13.91 11.84
N HIS D 13 -1.47 -14.75 12.47
CA HIS D 13 -1.19 -16.16 12.79
C HIS D 13 -0.21 -16.33 13.94
N ARG D 14 -0.06 -15.34 14.80
CA ARG D 14 0.83 -15.48 15.94
C ARG D 14 0.06 -15.48 17.27
N GLU D 15 0.67 -16.10 18.27
CA GLU D 15 0.15 -16.10 19.64
C GLU D 15 0.17 -14.69 20.22
N GLY D 16 -0.11 -14.59 21.53
CA GLY D 16 -0.19 -13.32 22.23
C GLY D 16 -1.61 -13.04 22.71
N GLN D 17 -1.78 -11.86 23.31
CA GLN D 17 -3.08 -11.48 23.86
C GLN D 17 -4.03 -11.09 22.73
N VAL D 18 -5.20 -11.71 22.75
CA VAL D 18 -6.13 -11.68 21.63
C VAL D 18 -7.54 -11.42 22.13
N LEU D 19 -8.31 -10.71 21.32
CA LEU D 19 -9.75 -10.71 21.44
C LEU D 19 -10.32 -12.05 20.96
N CYS D 20 -11.33 -12.54 21.65
CA CYS D 20 -11.97 -13.82 21.34
C CYS D 20 -13.38 -13.60 20.81
N CYS D 21 -13.73 -14.35 19.77
CA CYS D 21 -15.08 -14.23 19.23
C CYS D 21 -16.04 -15.08 20.06
N GLU D 22 -17.19 -14.51 20.41
CA GLU D 22 -18.21 -15.33 21.06
C GLU D 22 -18.93 -16.26 20.10
N LEU D 23 -18.76 -16.09 18.79
CA LEU D 23 -19.56 -16.80 17.81
C LEU D 23 -18.81 -17.87 17.06
N CYS D 24 -17.49 -17.90 17.13
CA CYS D 24 -16.68 -18.81 16.33
C CYS D 24 -15.33 -18.96 17.01
N PRO D 25 -14.52 -19.94 16.60
CA PRO D 25 -13.22 -20.15 17.27
C PRO D 25 -12.17 -19.04 17.06
N ARG D 26 -12.36 -18.11 16.13
CA ARG D 26 -11.30 -17.20 15.73
C ARG D 26 -10.93 -16.24 16.88
N VAL D 27 -9.65 -15.83 16.90
CA VAL D 27 -9.14 -14.83 17.83
C VAL D 27 -8.30 -13.83 17.05
N TYR D 28 -8.22 -12.60 17.55
CA TYR D 28 -7.54 -11.53 16.83
C TYR D 28 -6.69 -10.70 17.77
N HIS D 29 -5.48 -10.35 17.37
CA HIS D 29 -4.79 -9.24 18.04
C HIS D 29 -5.60 -7.96 17.86
N ALA D 30 -5.88 -7.26 18.95
CA ALA D 30 -6.63 -6.02 18.85
C ALA D 30 -5.96 -5.05 17.89
N LYS D 31 -4.65 -4.85 18.04
CA LYS D 31 -3.93 -3.95 17.16
C LYS D 31 -3.87 -4.47 15.73
N CYS D 32 -4.22 -5.73 15.48
CA CYS D 32 -4.29 -6.21 14.11
C CYS D 32 -5.57 -5.79 13.40
N LEU D 33 -6.61 -5.39 14.15
CA LEU D 33 -7.80 -4.83 13.55
C LEU D 33 -7.78 -3.30 13.55
N ARG D 34 -6.65 -2.70 13.90
CA ARG D 34 -6.54 -1.25 14.04
C ARG D 34 -7.61 -0.73 14.99
N LEU D 35 -7.78 -1.43 16.11
CA LEU D 35 -8.68 -0.99 17.18
C LEU D 35 -7.87 -0.25 18.23
N THR D 36 -8.36 0.90 18.65
CA THR D 36 -7.67 1.74 19.62
C THR D 36 -7.97 1.37 21.07
N SER D 37 -8.79 0.35 21.31
CA SER D 37 -9.15 -0.06 22.67
C SER D 37 -9.74 -1.45 22.62
N GLU D 38 -9.67 -2.13 23.75
CA GLU D 38 -10.37 -3.41 23.89
C GLU D 38 -11.84 -3.14 24.20
N PRO D 39 -12.78 -3.66 23.39
CA PRO D 39 -14.20 -3.38 23.65
C PRO D 39 -14.76 -4.30 24.73
N GLU D 40 -15.47 -3.70 25.68
CA GLU D 40 -16.02 -4.45 26.81
C GLU D 40 -17.14 -5.38 26.35
N GLY D 41 -17.39 -6.42 27.14
CA GLY D 41 -18.47 -7.33 26.88
C GLY D 41 -18.18 -8.26 25.73
N ASP D 42 -19.24 -8.95 25.29
CA ASP D 42 -19.12 -9.92 24.21
C ASP D 42 -18.62 -9.25 22.94
N TRP D 43 -17.96 -10.05 22.10
CA TRP D 43 -17.34 -9.51 20.90
C TRP D 43 -17.56 -10.44 19.71
N PHE D 44 -18.11 -9.89 18.63
CA PHE D 44 -18.31 -10.64 17.40
C PHE D 44 -17.24 -10.22 16.40
N CYS D 45 -16.57 -11.21 15.82
CA CYS D 45 -15.38 -10.96 15.02
C CYS D 45 -15.75 -10.53 13.59
N PRO D 46 -14.83 -9.88 12.87
CA PRO D 46 -15.16 -9.34 11.54
C PRO D 46 -15.66 -10.36 10.55
N GLU D 47 -15.12 -11.58 10.56
CA GLU D 47 -15.68 -12.62 9.71
C GLU D 47 -17.15 -12.86 10.04
N CYS D 48 -17.46 -12.97 11.35
CA CYS D 48 -18.82 -13.26 11.77
C CYS D 48 -19.76 -12.11 11.47
N GLU D 49 -19.34 -10.86 11.75
CA GLU D 49 -20.18 -9.72 11.40
C GLU D 49 -20.46 -9.69 9.91
N LYS D 50 -19.42 -9.90 9.11
CA LYS D 50 -19.60 -9.83 7.67
C LYS D 50 -20.54 -10.92 7.17
N ILE D 51 -20.33 -12.16 7.64
CA ILE D 51 -21.25 -13.26 7.28
C ILE D 51 -22.68 -12.90 7.68
N THR D 52 -22.88 -12.37 8.90
CA THR D 52 -24.22 -11.97 9.34
C THR D 52 -24.89 -11.06 8.33
N VAL D 53 -24.21 -9.97 7.93
CA VAL D 53 -24.82 -9.05 6.96
C VAL D 53 -25.08 -9.76 5.64
N ALA D 54 -24.14 -10.59 5.20
CA ALA D 54 -24.28 -11.31 3.93
C ALA D 54 -25.43 -12.30 3.94
N GLU D 55 -25.90 -12.75 5.11
CA GLU D 55 -26.96 -13.74 5.18
C GLU D 55 -28.30 -13.15 5.57
N CYS D 56 -28.36 -11.85 5.83
CA CYS D 56 -29.60 -11.18 6.19
C CYS D 56 -30.37 -10.80 4.94
N ILE D 57 -31.69 -11.04 4.94
CA ILE D 57 -32.46 -10.89 3.70
C ILE D 57 -32.41 -9.45 3.20
N GLU D 58 -32.40 -8.49 4.11
CA GLU D 58 -32.41 -7.09 3.71
C GLU D 58 -31.05 -6.66 3.14
N THR D 59 -29.95 -7.35 3.45
CA THR D 59 -28.64 -6.87 3.02
C THR D 59 -27.88 -7.83 2.13
N GLN D 60 -28.52 -8.89 1.65
CA GLN D 60 -27.77 -9.91 0.92
C GLN D 60 -27.49 -9.47 -0.53
N SER D 61 -26.57 -10.18 -1.17
CA SER D 61 -26.16 -9.79 -2.51
C SER D 61 -27.23 -10.16 -3.55
N LYS D 62 -27.17 -9.51 -4.71
CA LYS D 62 -28.09 -9.87 -5.79
C LYS D 62 -27.97 -11.35 -6.13
N ALA D 63 -26.74 -11.87 -6.13
CA ALA D 63 -26.51 -13.29 -6.32
C ALA D 63 -27.27 -14.13 -5.29
N MET D 64 -27.17 -13.77 -4.01
CA MET D 64 -27.81 -14.54 -2.96
C MET D 64 -29.32 -14.54 -3.05
N THR D 65 -29.92 -13.46 -3.58
CA THR D 65 -31.39 -13.38 -3.58
C THR D 65 -32.00 -14.36 -4.56
N MET D 66 -31.33 -14.62 -5.68
CA MET D 66 -31.81 -15.58 -6.67
C MET D 66 -31.23 -16.97 -6.46
N LEU D 67 -31.10 -17.44 -5.22
CA LEU D 67 -30.52 -18.75 -4.95
C LEU D 67 -31.12 -19.32 -3.68
N THR D 68 -31.56 -20.58 -3.73
CA THR D 68 -31.83 -21.24 -2.47
C THR D 68 -30.54 -21.79 -1.89
N ILE D 69 -30.60 -22.19 -0.62
CA ILE D 69 -29.42 -22.70 0.05
C ILE D 69 -28.91 -23.95 -0.66
N GLU D 70 -29.84 -24.75 -1.20
CA GLU D 70 -29.48 -25.93 -1.98
C GLU D 70 -28.69 -25.56 -3.23
N GLN D 71 -29.13 -24.52 -3.94
CA GLN D 71 -28.43 -24.07 -5.13
C GLN D 71 -27.05 -23.51 -4.78
N LEU D 72 -26.97 -22.63 -3.78
CA LEU D 72 -25.67 -22.19 -3.33
C LEU D 72 -24.76 -23.38 -3.07
N SER D 73 -25.29 -24.42 -2.43
CA SER D 73 -24.45 -25.58 -2.13
C SER D 73 -23.91 -26.22 -3.39
N TYR D 74 -24.76 -26.34 -4.42
CA TYR D 74 -24.30 -26.93 -5.67
C TYR D 74 -23.14 -26.12 -6.25
N LEU D 75 -23.28 -24.79 -6.29
CA LEU D 75 -22.18 -23.98 -6.82
C LEU D 75 -20.92 -24.16 -5.99
N LEU D 76 -21.07 -24.28 -4.67
CA LEU D 76 -19.90 -24.46 -3.82
C LEU D 76 -19.19 -25.77 -4.11
N LYS D 77 -19.97 -26.80 -4.48
CA LYS D 77 -19.37 -28.07 -4.89
C LYS D 77 -18.48 -27.89 -6.11
N PHE D 78 -18.95 -27.14 -7.12
CA PHE D 78 -18.07 -26.88 -8.27
C PHE D 78 -16.84 -26.08 -7.86
N ALA D 79 -17.01 -25.14 -6.94
CA ALA D 79 -15.86 -24.33 -6.51
C ALA D 79 -14.79 -25.23 -5.90
N ILE D 80 -15.19 -26.16 -5.03
CA ILE D 80 -14.23 -27.13 -4.49
C ILE D 80 -13.56 -27.92 -5.61
N GLN D 81 -14.28 -28.19 -6.70
CA GLN D 81 -13.62 -28.81 -7.84
C GLN D 81 -12.50 -27.93 -8.39
N LYS D 82 -12.74 -26.62 -8.53
CA LYS D 82 -11.66 -25.78 -9.07
C LYS D 82 -10.51 -25.63 -8.08
N MET D 83 -10.77 -25.79 -6.78
CA MET D 83 -9.69 -25.67 -5.81
C MET D 83 -8.78 -26.91 -5.78
N LYS D 84 -9.31 -28.10 -6.04
CA LYS D 84 -8.46 -29.28 -6.08
C LYS D 84 -7.59 -29.36 -7.32
N GLN D 85 -6.81 -28.33 -7.60
CA GLN D 85 -5.87 -28.41 -8.71
C GLN D 85 -4.81 -29.47 -8.41
N PRO D 86 -4.25 -30.11 -9.45
CA PRO D 86 -3.11 -31.00 -9.24
C PRO D 86 -2.01 -30.32 -8.46
N GLY D 87 -1.52 -31.01 -7.42
CA GLY D 87 -0.54 -30.49 -6.50
C GLY D 87 -1.08 -30.13 -5.14
N THR D 88 -2.39 -30.33 -4.92
CA THR D 88 -3.07 -29.96 -3.69
C THR D 88 -3.39 -31.16 -2.81
N ASP D 89 -2.71 -32.30 -3.02
CA ASP D 89 -3.08 -33.53 -2.34
C ASP D 89 -2.97 -33.39 -0.83
N ALA D 90 -1.97 -32.65 -0.36
CA ALA D 90 -1.78 -32.45 1.07
C ALA D 90 -2.97 -31.79 1.75
N PHE D 91 -3.86 -31.18 0.99
CA PHE D 91 -4.99 -30.48 1.59
C PHE D 91 -6.32 -31.13 1.29
N GLN D 92 -6.31 -32.33 0.70
CA GLN D 92 -7.55 -32.94 0.24
C GLN D 92 -8.22 -33.79 1.31
N LYS D 93 -7.48 -34.24 2.31
CA LYS D 93 -7.99 -35.00 3.42
C LYS D 93 -7.42 -34.35 4.68
N PRO D 94 -8.01 -34.62 5.85
CA PRO D 94 -7.46 -34.03 7.07
C PRO D 94 -6.01 -34.42 7.24
N VAL D 95 -5.29 -33.58 7.97
CA VAL D 95 -3.95 -33.95 8.42
C VAL D 95 -4.10 -35.22 9.23
N PRO D 96 -3.41 -36.31 8.90
CA PRO D 96 -3.53 -37.56 9.67
C PRO D 96 -2.86 -37.42 11.03
N LEU D 97 -3.63 -37.63 12.10
CA LEU D 97 -3.04 -37.57 13.42
C LEU D 97 -2.00 -38.64 13.64
N GLU D 98 -2.07 -39.75 12.90
CA GLU D 98 -1.03 -40.77 13.01
C GLU D 98 0.33 -40.20 12.61
N GLN D 99 0.43 -39.64 11.39
CA GLN D 99 1.69 -39.10 10.89
C GLN D 99 2.09 -37.77 11.52
N HIS D 100 1.21 -37.10 12.29
CA HIS D 100 1.59 -35.91 13.06
C HIS D 100 0.77 -35.88 14.33
N PRO D 101 1.28 -36.47 15.42
CA PRO D 101 0.49 -36.49 16.67
C PRO D 101 0.39 -35.13 17.35
N ASP D 102 1.46 -34.33 17.36
CA ASP D 102 1.41 -33.02 17.97
C ASP D 102 0.48 -32.05 17.24
N TYR D 103 -0.15 -32.45 16.14
CA TYR D 103 -0.94 -31.50 15.36
C TYR D 103 -2.04 -30.86 16.18
N ALA D 104 -2.74 -31.65 17.00
CA ALA D 104 -3.79 -31.12 17.85
C ALA D 104 -3.27 -30.03 18.79
N GLU D 105 -2.00 -30.12 19.17
CA GLU D 105 -1.39 -29.16 20.07
C GLU D 105 -1.19 -27.80 19.44
N TYR D 106 -1.33 -27.68 18.12
CA TYR D 106 -1.13 -26.41 17.44
C TYR D 106 -2.38 -25.92 16.75
N ILE D 107 -3.15 -26.84 16.20
CA ILE D 107 -4.29 -26.53 15.37
C ILE D 107 -5.54 -26.78 16.19
N PHE D 108 -6.30 -25.73 16.44
CA PHE D 108 -7.55 -25.79 17.17
C PHE D 108 -8.73 -26.16 16.28
N HIS D 109 -8.72 -25.74 15.02
CA HIS D 109 -9.85 -25.93 14.12
C HIS D 109 -9.32 -26.46 12.81
N PRO D 110 -9.18 -27.78 12.68
CA PRO D 110 -8.60 -28.34 11.45
C PRO D 110 -9.54 -28.16 10.27
N MET D 111 -8.97 -28.11 9.07
CA MET D 111 -9.83 -28.03 7.91
C MET D 111 -9.11 -28.56 6.68
N ASP D 112 -9.88 -29.19 5.81
CA ASP D 112 -9.34 -29.70 4.57
C ASP D 112 -10.42 -29.62 3.50
N LEU D 113 -10.02 -29.85 2.26
CA LEU D 113 -10.96 -29.73 1.15
C LEU D 113 -12.11 -30.73 1.27
N CYS D 114 -11.82 -31.96 1.69
CA CYS D 114 -12.91 -32.92 1.84
C CYS D 114 -13.96 -32.41 2.81
N THR D 115 -13.53 -31.93 3.97
CA THR D 115 -14.47 -31.42 4.95
C THR D 115 -15.27 -30.24 4.40
N LEU D 116 -14.61 -29.31 3.73
CA LEU D 116 -15.34 -28.24 3.04
C LEU D 116 -16.46 -28.80 2.16
N GLU D 117 -16.14 -29.85 1.40
CA GLU D 117 -17.14 -30.43 0.50
C GLU D 117 -18.32 -31.00 1.28
N LYS D 118 -18.02 -31.75 2.36
CA LYS D 118 -19.11 -32.35 3.14
C LYS D 118 -19.94 -31.28 3.84
N ASN D 119 -19.29 -30.23 4.32
CA ASN D 119 -20.05 -29.12 4.89
C ASN D 119 -21.00 -28.54 3.86
N ALA D 120 -20.52 -28.34 2.63
CA ALA D 120 -21.36 -27.82 1.56
C ALA D 120 -22.56 -28.72 1.31
N LYS D 121 -22.35 -30.05 1.19
CA LYS D 121 -23.48 -30.94 0.97
C LYS D 121 -24.45 -30.85 2.12
N LYS D 122 -23.95 -30.74 3.36
CA LYS D 122 -24.77 -30.61 4.55
C LYS D 122 -25.46 -29.25 4.66
N LYS D 123 -25.23 -28.37 3.69
CA LYS D 123 -25.87 -27.07 3.57
C LYS D 123 -25.46 -26.12 4.70
N MET D 124 -24.20 -26.20 5.12
CA MET D 124 -23.74 -25.36 6.23
C MET D 124 -23.36 -23.94 5.82
N TYR D 125 -23.18 -23.65 4.54
CA TYR D 125 -22.79 -22.31 4.12
C TYR D 125 -24.01 -21.59 3.58
N GLY D 126 -24.34 -20.45 4.19
CA GLY D 126 -25.47 -19.64 3.76
C GLY D 126 -25.14 -18.50 2.83
N CYS D 127 -23.87 -18.27 2.52
CA CYS D 127 -23.48 -17.24 1.58
C CYS D 127 -22.05 -17.54 1.12
N THR D 128 -21.54 -16.75 0.17
CA THR D 128 -20.19 -17.08 -0.28
C THR D 128 -19.14 -16.63 0.73
N GLU D 129 -19.40 -15.55 1.45
CA GLU D 129 -18.43 -15.09 2.44
C GLU D 129 -18.08 -16.20 3.41
N ALA D 130 -19.11 -16.87 3.94
CA ALA D 130 -18.91 -17.91 4.96
C ALA D 130 -18.08 -19.06 4.43
N PHE D 131 -18.25 -19.37 3.15
CA PHE D 131 -17.47 -20.45 2.57
C PHE D 131 -15.99 -20.06 2.49
N LEU D 132 -15.70 -18.89 1.92
CA LEU D 132 -14.32 -18.41 1.92
C LEU D 132 -13.73 -18.38 3.33
N ALA D 133 -14.52 -17.90 4.30
CA ALA D 133 -14.04 -17.77 5.67
C ALA D 133 -13.64 -19.14 6.22
N ASP D 134 -14.40 -20.17 5.89
CA ASP D 134 -14.03 -21.50 6.36
C ASP D 134 -12.79 -22.03 5.67
N ALA D 135 -12.74 -21.91 4.34
CA ALA D 135 -11.59 -22.42 3.61
C ALA D 135 -10.30 -21.79 4.12
N LYS D 136 -10.34 -20.53 4.57
CA LYS D 136 -9.13 -19.88 5.03
C LYS D 136 -8.51 -20.57 6.25
N TRP D 137 -9.29 -21.37 6.99
CA TRP D 137 -8.68 -22.16 8.06
C TRP D 137 -7.56 -23.03 7.51
N ILE D 138 -7.72 -23.53 6.28
CA ILE D 138 -6.66 -24.35 5.69
C ILE D 138 -5.35 -23.59 5.66
N LEU D 139 -5.39 -22.33 5.25
CA LEU D 139 -4.15 -21.57 5.11
C LEU D 139 -3.60 -21.13 6.47
N HIS D 140 -4.50 -20.65 7.35
CA HIS D 140 -4.16 -20.37 8.74
C HIS D 140 -3.39 -21.53 9.36
N ASN D 141 -4.00 -22.72 9.28
CA ASN D 141 -3.42 -23.87 9.94
C ASN D 141 -2.11 -24.28 9.29
N CYS D 142 -2.01 -24.14 7.97
CA CYS D 142 -0.76 -24.49 7.32
C CYS D 142 0.35 -23.55 7.75
N ILE D 143 0.06 -22.24 7.83
CA ILE D 143 1.09 -21.30 8.29
C ILE D 143 1.50 -21.64 9.72
N ILE D 144 0.52 -21.88 10.61
CA ILE D 144 0.88 -22.14 11.99
C ILE D 144 1.76 -23.38 12.08
N TYR D 145 1.34 -24.47 11.45
CA TYR D 145 2.01 -25.73 11.71
C TYR D 145 3.30 -25.90 10.90
N ASN D 146 3.38 -25.35 9.70
CA ASN D 146 4.53 -25.59 8.82
C ASN D 146 5.41 -24.37 8.64
N GLY D 147 4.97 -23.20 9.03
CA GLY D 147 5.74 -22.00 8.80
C GLY D 147 5.22 -21.22 7.61
N GLY D 148 5.57 -19.93 7.58
CA GLY D 148 5.03 -19.03 6.58
C GLY D 148 5.56 -19.27 5.18
N ASN D 149 6.73 -19.89 5.04
CA ASN D 149 7.29 -20.09 3.72
C ASN D 149 7.46 -21.56 3.36
N HIS D 150 6.78 -22.46 4.04
CA HIS D 150 6.79 -23.86 3.66
C HIS D 150 6.17 -24.05 2.26
N LYS D 151 6.72 -25.01 1.51
CA LYS D 151 6.15 -25.37 0.20
C LYS D 151 4.64 -25.63 0.29
N LEU D 152 4.22 -26.32 1.35
CA LEU D 152 2.80 -26.56 1.59
C LEU D 152 2.04 -25.25 1.75
N THR D 153 2.61 -24.30 2.51
CA THR D 153 1.95 -23.02 2.70
C THR D 153 1.71 -22.33 1.36
N GLN D 154 2.68 -22.41 0.45
CA GLN D 154 2.54 -21.81 -0.87
C GLN D 154 1.40 -22.47 -1.66
N ILE D 155 1.27 -23.81 -1.55
CA ILE D 155 0.10 -24.42 -2.18
C ILE D 155 -1.19 -23.90 -1.54
N ALA D 156 -1.20 -23.78 -0.21
CA ALA D 156 -2.41 -23.31 0.47
C ALA D 156 -2.80 -21.92 0.04
N LYS D 157 -1.79 -21.06 -0.22
CA LYS D 157 -2.09 -19.72 -0.73
C LYS D 157 -2.77 -19.80 -2.08
N VAL D 158 -2.30 -20.72 -2.94
CA VAL D 158 -2.95 -20.86 -4.23
C VAL D 158 -4.40 -21.30 -4.04
N VAL D 159 -4.62 -22.30 -3.19
CA VAL D 159 -5.97 -22.81 -3.00
C VAL D 159 -6.93 -21.73 -2.56
N ILE D 160 -6.48 -20.86 -1.63
CA ILE D 160 -7.40 -19.83 -1.13
C ILE D 160 -7.63 -18.77 -2.20
N LYS D 161 -6.59 -18.44 -2.96
CA LYS D 161 -6.81 -17.49 -4.05
C LYS D 161 -7.82 -18.05 -5.07
N ILE D 162 -7.71 -19.33 -5.43
CA ILE D 162 -8.72 -19.89 -6.33
C ILE D 162 -10.11 -19.78 -5.71
N CYS D 163 -10.20 -20.06 -4.40
CA CYS D 163 -11.50 -19.96 -3.75
C CYS D 163 -12.07 -18.55 -3.83
N GLU D 164 -11.23 -17.53 -3.63
CA GLU D 164 -11.71 -16.16 -3.79
C GLU D 164 -12.23 -15.92 -5.20
N HIS D 165 -11.49 -16.44 -6.20
CA HIS D 165 -11.91 -16.24 -7.58
C HIS D 165 -13.27 -16.88 -7.86
N GLU D 166 -13.50 -18.10 -7.36
CA GLU D 166 -14.79 -18.75 -7.57
C GLU D 166 -15.91 -18.02 -6.84
N MET D 167 -15.67 -17.64 -5.56
CA MET D 167 -16.69 -16.88 -4.84
C MET D 167 -17.06 -15.62 -5.63
N ASN D 168 -16.06 -14.96 -6.21
CA ASN D 168 -16.34 -13.76 -6.99
C ASN D 168 -17.19 -14.07 -8.23
N GLU D 169 -16.85 -15.16 -8.94
CA GLU D 169 -17.64 -15.51 -10.13
C GLU D 169 -19.09 -15.79 -9.77
N ILE D 170 -19.31 -16.56 -8.70
CA ILE D 170 -20.67 -16.77 -8.21
C ILE D 170 -21.36 -15.44 -7.91
N GLU D 171 -20.61 -14.48 -7.38
CA GLU D 171 -21.24 -13.23 -7.00
C GLU D 171 -21.59 -12.37 -8.21
N VAL D 172 -20.80 -12.43 -9.29
CA VAL D 172 -21.10 -11.60 -10.46
C VAL D 172 -22.37 -12.06 -11.15
N CYS D 173 -22.52 -13.39 -11.36
CA CYS D 173 -23.75 -13.99 -11.85
C CYS D 173 -23.80 -15.49 -11.60
N PRO D 174 -24.73 -15.96 -10.73
CA PRO D 174 -24.77 -17.40 -10.41
C PRO D 174 -25.28 -18.27 -11.55
N GLU D 175 -26.23 -17.81 -12.35
CA GLU D 175 -26.61 -18.56 -13.55
C GLU D 175 -25.43 -18.68 -14.51
N CYS D 176 -24.70 -17.57 -14.72
CA CYS D 176 -23.52 -17.62 -15.58
C CYS D 176 -22.55 -18.68 -15.10
N TYR D 177 -22.28 -18.66 -13.79
CA TYR D 177 -21.30 -19.55 -13.22
C TYR D 177 -21.76 -20.99 -13.34
N LEU D 178 -23.02 -21.25 -13.00
CA LEU D 178 -23.54 -22.60 -13.10
C LEU D 178 -23.41 -23.12 -14.54
N ALA D 179 -23.88 -22.34 -15.50
CA ALA D 179 -23.76 -22.76 -16.90
C ALA D 179 -22.30 -23.06 -17.25
N ALA D 180 -21.38 -22.16 -16.90
CA ALA D 180 -19.98 -22.38 -17.23
C ALA D 180 -19.41 -23.61 -16.53
N CYS D 181 -20.00 -24.01 -15.41
CA CYS D 181 -19.54 -25.20 -14.72
C CYS D 181 -20.10 -26.46 -15.35
N GLN D 182 -21.38 -26.43 -15.74
CA GLN D 182 -21.98 -27.62 -16.35
C GLN D 182 -21.36 -27.89 -17.72
N LYS D 183 -21.03 -26.83 -18.45
CA LYS D 183 -20.37 -26.93 -19.76
C LYS D 183 -21.22 -27.71 -20.76
N ARG D 184 -22.53 -27.44 -20.78
CA ARG D 184 -23.36 -27.87 -21.89
C ARG D 184 -22.87 -27.25 -23.19
N ASP D 185 -23.22 -27.88 -24.30
CA ASP D 185 -22.82 -27.35 -25.60
C ASP D 185 -23.46 -25.99 -25.81
N ASN D 186 -22.64 -25.03 -26.28
CA ASN D 186 -23.06 -23.65 -26.47
C ASN D 186 -23.46 -23.00 -25.16
N TRP D 187 -22.79 -23.37 -24.08
CA TRP D 187 -23.21 -22.88 -22.77
C TRP D 187 -23.12 -21.37 -22.68
N PHE D 188 -22.21 -20.74 -23.40
CA PHE D 188 -22.14 -19.29 -23.36
C PHE D 188 -23.39 -18.63 -23.96
N CYS D 189 -24.15 -19.33 -24.80
CA CYS D 189 -25.32 -18.77 -25.45
C CYS D 189 -26.59 -18.93 -24.64
N GLU D 190 -26.51 -19.48 -23.44
CA GLU D 190 -27.68 -19.61 -22.58
C GLU D 190 -28.00 -18.26 -21.94
N PRO D 191 -29.16 -17.68 -22.21
CA PRO D 191 -29.47 -16.38 -21.60
C PRO D 191 -29.93 -16.59 -20.17
N CYS D 192 -29.59 -15.60 -19.34
CA CYS D 192 -29.93 -15.62 -17.93
C CYS D 192 -31.36 -15.11 -17.71
N SER D 193 -31.90 -15.41 -16.53
CA SER D 193 -33.27 -15.00 -16.21
C SER D 193 -33.44 -13.51 -16.42
N ASN D 194 -32.57 -12.70 -15.82
CA ASN D 194 -32.41 -11.30 -16.20
C ASN D 194 -31.30 -11.27 -17.23
N PRO D 195 -31.63 -11.26 -18.52
CA PRO D 195 -30.57 -11.33 -19.53
C PRO D 195 -29.68 -10.11 -19.46
N HIS D 196 -28.38 -10.33 -19.47
CA HIS D 196 -27.43 -9.24 -19.58
C HIS D 196 -27.53 -8.55 -20.95
N PRO D 197 -27.50 -7.22 -20.99
CA PRO D 197 -27.55 -6.52 -22.28
C PRO D 197 -26.36 -6.86 -23.17
N LEU D 198 -26.60 -6.85 -24.48
CA LEU D 198 -25.58 -7.15 -25.47
C LEU D 198 -24.91 -5.86 -25.92
N VAL D 199 -23.59 -5.82 -25.87
CA VAL D 199 -22.91 -4.58 -26.22
C VAL D 199 -21.77 -4.84 -27.20
N TRP D 200 -21.46 -3.78 -27.93
CA TRP D 200 -20.12 -3.57 -28.46
C TRP D 200 -19.27 -2.98 -27.34
N ALA D 201 -18.24 -3.70 -26.91
CA ALA D 201 -17.29 -3.20 -25.92
C ALA D 201 -15.92 -3.07 -26.57
N LYS D 202 -15.24 -1.95 -26.31
CA LYS D 202 -13.94 -1.70 -26.95
C LYS D 202 -12.83 -1.59 -25.91
N LEU D 203 -11.90 -2.52 -25.94
CA LEU D 203 -10.68 -2.49 -25.14
C LEU D 203 -9.62 -1.65 -25.83
N LYS D 204 -8.63 -1.19 -25.06
CA LYS D 204 -7.59 -0.39 -25.69
C LYS D 204 -6.83 -1.28 -26.66
N GLY D 205 -6.50 -0.73 -27.82
CA GLY D 205 -5.78 -1.48 -28.85
C GLY D 205 -6.46 -2.73 -29.37
N PHE D 206 -7.78 -2.67 -29.54
CA PHE D 206 -8.56 -3.84 -29.93
C PHE D 206 -9.83 -3.33 -30.56
N PRO D 207 -10.39 -4.05 -31.53
CA PRO D 207 -11.64 -3.59 -32.13
C PRO D 207 -12.82 -3.78 -31.19
N PHE D 208 -13.88 -3.05 -31.49
CA PHE D 208 -15.16 -3.31 -30.85
C PHE D 208 -15.46 -4.80 -30.93
N TRP D 209 -16.05 -5.33 -29.87
CA TRP D 209 -16.20 -6.75 -29.77
C TRP D 209 -17.48 -7.08 -29.01
N PRO D 210 -18.26 -8.05 -29.50
CA PRO D 210 -19.53 -8.38 -28.82
C PRO D 210 -19.30 -8.93 -27.42
N ALA D 211 -20.14 -8.49 -26.48
CA ALA D 211 -19.95 -8.86 -25.08
C ALA D 211 -21.28 -8.81 -24.36
N LYS D 212 -21.32 -9.53 -23.25
CA LYS D 212 -22.40 -9.39 -22.28
C LYS D 212 -21.96 -8.34 -21.27
N ALA D 213 -22.84 -7.39 -20.98
CA ALA D 213 -22.60 -6.42 -19.93
C ALA D 213 -23.12 -7.01 -18.62
N LEU D 214 -22.21 -7.44 -17.75
CA LEU D 214 -22.65 -8.21 -16.58
C LEU D 214 -22.96 -7.36 -15.38
N ARG D 215 -22.33 -6.20 -15.25
CA ARG D 215 -22.62 -5.28 -14.16
C ARG D 215 -21.95 -3.96 -14.48
N ASP D 216 -22.28 -2.94 -13.67
CA ASP D 216 -21.71 -1.60 -13.77
C ASP D 216 -21.12 -1.20 -12.43
N LYS D 217 -19.97 -0.53 -12.47
CA LYS D 217 -19.37 0.02 -11.26
C LYS D 217 -18.41 1.14 -11.65
N ASP D 218 -18.58 2.30 -11.04
CA ASP D 218 -17.68 3.44 -11.18
C ASP D 218 -17.37 3.76 -12.65
N GLY D 219 -18.42 3.88 -13.45
CA GLY D 219 -18.23 4.27 -14.84
C GLY D 219 -17.67 3.19 -15.72
N GLN D 220 -17.56 1.97 -15.21
CA GLN D 220 -17.02 0.83 -15.93
C GLN D 220 -18.11 -0.23 -16.11
N VAL D 221 -17.99 -0.99 -17.19
CA VAL D 221 -18.86 -2.11 -17.48
C VAL D 221 -18.03 -3.37 -17.41
N ASP D 222 -18.51 -4.37 -16.68
CA ASP D 222 -17.85 -5.68 -16.60
C ASP D 222 -18.31 -6.51 -17.80
N ALA D 223 -17.49 -6.56 -18.84
CA ALA D 223 -17.85 -7.21 -20.09
C ALA D 223 -17.33 -8.65 -20.15
N ARG D 224 -18.21 -9.57 -20.55
CA ARG D 224 -17.82 -10.95 -20.83
C ARG D 224 -17.93 -11.16 -22.34
N PHE D 225 -16.78 -11.35 -23.00
CA PHE D 225 -16.71 -11.35 -24.46
C PHE D 225 -17.19 -12.65 -25.10
N PHE D 226 -17.91 -12.53 -26.21
CA PHE D 226 -18.22 -13.69 -27.02
C PHE D 226 -16.95 -14.20 -27.70
N GLY D 227 -16.97 -15.47 -28.08
CA GLY D 227 -15.78 -16.05 -28.65
C GLY D 227 -14.73 -16.38 -27.62
N GLN D 228 -14.21 -15.35 -26.93
CA GLN D 228 -13.09 -15.55 -26.02
C GLN D 228 -13.54 -15.96 -24.62
N HIS D 229 -14.72 -15.49 -24.19
CA HIS D 229 -15.41 -15.86 -22.96
C HIS D 229 -14.75 -15.32 -21.72
N ASP D 230 -13.65 -14.57 -21.85
CA ASP D 230 -13.02 -13.94 -20.71
C ASP D 230 -13.74 -12.62 -20.36
N ARG D 231 -13.39 -12.04 -19.22
CA ARG D 231 -14.03 -10.83 -18.73
C ARG D 231 -13.04 -9.67 -18.61
N ALA D 232 -13.55 -8.47 -18.75
CA ALA D 232 -12.70 -7.30 -18.60
C ALA D 232 -13.56 -6.08 -18.30
N TRP D 233 -13.03 -5.19 -17.47
CA TRP D 233 -13.67 -3.89 -17.22
C TRP D 233 -13.44 -2.95 -18.39
N VAL D 234 -14.48 -2.30 -18.87
CA VAL D 234 -14.42 -1.43 -20.03
C VAL D 234 -15.12 -0.11 -19.69
N PRO D 235 -14.49 1.05 -19.85
CA PRO D 235 -15.19 2.30 -19.52
C PRO D 235 -16.49 2.44 -20.30
N ILE D 236 -17.51 2.93 -19.61
CA ILE D 236 -18.86 2.85 -20.15
C ILE D 236 -18.99 3.63 -21.45
N ASN D 237 -18.16 4.67 -21.66
CA ASN D 237 -18.19 5.41 -22.92
C ASN D 237 -17.86 4.54 -24.11
N ASN D 238 -17.22 3.38 -23.89
CA ASN D 238 -16.82 2.48 -24.95
C ASN D 238 -17.77 1.32 -25.12
N CYS D 239 -19.04 1.50 -24.76
CA CYS D 239 -20.02 0.43 -24.84
C CYS D 239 -21.27 0.91 -25.56
N TYR D 240 -21.50 0.37 -26.74
CA TYR D 240 -22.73 0.65 -27.46
C TYR D 240 -23.65 -0.55 -27.28
N LEU D 241 -24.96 -0.31 -27.30
CA LEU D 241 -25.88 -1.44 -27.40
C LEU D 241 -25.67 -2.14 -28.74
N MET D 242 -25.90 -3.46 -28.74
CA MET D 242 -25.61 -4.26 -29.92
C MET D 242 -26.38 -3.75 -31.13
N SER D 243 -25.69 -3.66 -32.26
CA SER D 243 -26.31 -3.24 -33.50
C SER D 243 -26.25 -4.35 -34.53
N LYS D 244 -27.15 -4.31 -35.51
CA LYS D 244 -27.16 -5.30 -36.59
C LYS D 244 -25.96 -5.12 -37.52
N GLU D 245 -25.58 -3.87 -37.81
CA GLU D 245 -24.46 -3.59 -38.69
C GLU D 245 -23.14 -3.61 -37.95
N ILE D 246 -22.08 -3.86 -38.70
CA ILE D 246 -20.73 -3.91 -38.16
C ILE D 246 -19.90 -2.94 -38.99
N PRO D 247 -19.88 -1.65 -38.66
CA PRO D 247 -19.25 -0.65 -39.54
C PRO D 247 -17.73 -0.56 -39.45
N PHE D 248 -17.11 -1.23 -38.50
CA PHE D 248 -15.65 -1.13 -38.36
C PHE D 248 -15.00 -2.35 -38.99
N SER D 249 -13.70 -2.22 -39.28
CA SER D 249 -12.98 -3.34 -39.85
C SER D 249 -12.32 -4.14 -38.74
N VAL D 250 -12.04 -5.41 -39.05
CA VAL D 250 -11.47 -6.35 -38.10
C VAL D 250 -10.48 -7.25 -38.84
N LYS D 251 -9.58 -6.65 -39.63
CA LYS D 251 -8.79 -7.43 -40.58
C LYS D 251 -7.90 -8.46 -39.87
N LYS D 252 -7.28 -8.07 -38.75
CA LYS D 252 -6.28 -8.95 -38.15
C LYS D 252 -6.88 -10.13 -37.42
N THR D 253 -8.19 -10.13 -37.15
CA THR D 253 -8.85 -11.19 -36.39
C THR D 253 -10.13 -11.63 -37.08
N LYS D 254 -10.16 -11.50 -38.41
CA LYS D 254 -11.40 -11.61 -39.18
C LYS D 254 -12.15 -12.91 -38.89
N SER D 255 -11.47 -14.05 -38.92
CA SER D 255 -12.14 -15.31 -38.64
C SER D 255 -12.62 -15.39 -37.19
N ILE D 256 -11.73 -15.08 -36.22
CA ILE D 256 -12.12 -15.08 -34.81
C ILE D 256 -13.36 -14.23 -34.61
N PHE D 257 -13.30 -12.99 -35.08
CA PHE D 257 -14.42 -12.09 -34.97
C PHE D 257 -15.67 -12.69 -35.57
N ASN D 258 -15.56 -13.26 -36.78
CA ASN D 258 -16.75 -13.83 -37.40
C ASN D 258 -17.32 -14.94 -36.52
N SER D 259 -16.44 -15.77 -35.95
CA SER D 259 -16.91 -16.81 -35.03
C SER D 259 -17.60 -16.18 -33.83
N ALA D 260 -16.98 -15.15 -33.24
CA ALA D 260 -17.64 -14.52 -32.10
C ALA D 260 -19.03 -14.03 -32.51
N MET D 261 -19.13 -13.42 -33.70
CA MET D 261 -20.43 -12.92 -34.12
C MET D 261 -21.41 -14.06 -34.28
N GLN D 262 -20.94 -15.19 -34.85
CA GLN D 262 -21.82 -16.33 -35.00
C GLN D 262 -22.34 -16.78 -33.66
N GLU D 263 -21.45 -16.85 -32.67
CA GLU D 263 -21.89 -17.31 -31.37
C GLU D 263 -22.91 -16.32 -30.82
N MET D 264 -22.69 -15.02 -31.03
CA MET D 264 -23.64 -14.03 -30.53
C MET D 264 -25.00 -14.23 -31.16
N GLU D 265 -25.03 -14.55 -32.46
CA GLU D 265 -26.33 -14.67 -33.09
C GLU D 265 -27.07 -15.87 -32.53
N VAL D 266 -26.35 -16.93 -32.16
CA VAL D 266 -27.00 -18.06 -31.51
C VAL D 266 -27.66 -17.59 -30.23
N TYR D 267 -26.90 -16.87 -29.40
CA TYR D 267 -27.47 -16.28 -28.20
C TYR D 267 -28.71 -15.46 -28.54
N VAL D 268 -28.63 -14.58 -29.56
CA VAL D 268 -29.81 -13.80 -29.89
C VAL D 268 -30.98 -14.73 -30.24
N GLU D 269 -30.74 -15.72 -31.09
CA GLU D 269 -31.83 -16.63 -31.42
C GLU D 269 -32.43 -17.20 -30.14
N ASN D 270 -31.56 -17.67 -29.23
CA ASN D 270 -32.03 -18.31 -28.00
C ASN D 270 -32.90 -17.34 -27.20
N ILE D 271 -32.43 -16.10 -27.06
CA ILE D 271 -33.17 -15.21 -26.18
C ILE D 271 -34.50 -14.86 -26.84
N ARG D 272 -34.51 -14.72 -28.16
CA ARG D 272 -35.78 -14.48 -28.83
C ARG D 272 -36.71 -15.64 -28.60
N ARG D 273 -36.18 -16.88 -28.65
CA ARG D 273 -37.02 -18.04 -28.41
C ARG D 273 -37.53 -18.05 -26.97
N LYS D 274 -36.73 -17.58 -26.01
CA LYS D 274 -37.08 -17.69 -24.60
C LYS D 274 -37.98 -16.55 -24.12
N PHE D 275 -37.76 -15.34 -24.61
CA PHE D 275 -38.47 -14.16 -24.15
C PHE D 275 -39.41 -13.57 -25.17
N GLY D 276 -39.16 -13.77 -26.45
CA GLY D 276 -40.04 -13.27 -27.49
C GLY D 276 -39.49 -12.08 -28.23
N VAL D 277 -38.47 -11.40 -27.69
CA VAL D 277 -38.03 -10.15 -28.31
C VAL D 277 -36.52 -9.99 -28.16
N PHE D 278 -35.93 -9.27 -29.11
CA PHE D 278 -34.60 -8.71 -28.94
C PHE D 278 -34.48 -7.53 -29.89
N ASN D 279 -34.28 -6.33 -29.35
CA ASN D 279 -34.25 -5.12 -30.15
C ASN D 279 -32.82 -4.67 -30.39
N TYR D 280 -32.40 -4.73 -31.64
CA TYR D 280 -31.14 -4.12 -32.03
C TYR D 280 -31.26 -2.61 -31.98
N SER D 281 -30.11 -1.96 -31.84
CA SER D 281 -29.97 -0.51 -31.83
C SER D 281 -29.15 -0.09 -33.03
N PRO D 282 -29.29 1.16 -33.48
CA PRO D 282 -28.36 1.67 -34.49
C PRO D 282 -26.96 1.77 -33.91
N PHE D 283 -25.96 1.89 -34.75
CA PHE D 283 -24.62 1.94 -34.24
C PHE D 283 -24.42 3.24 -33.51
N ARG D 284 -23.54 3.20 -32.52
CA ARG D 284 -23.14 4.24 -31.61
C ARG D 284 -24.18 4.65 -30.63
N THR D 285 -25.10 3.79 -30.28
CA THR D 285 -26.06 4.19 -29.29
C THR D 285 -25.48 3.64 -28.03
N PRO D 286 -25.26 4.50 -27.09
CA PRO D 286 -24.60 4.16 -25.85
C PRO D 286 -25.25 3.24 -24.89
N TYR D 287 -24.43 2.40 -24.32
CA TYR D 287 -24.95 1.59 -23.23
C TYR D 287 -25.07 2.45 -21.97
N THR D 288 -26.17 2.30 -21.25
CA THR D 288 -26.38 2.96 -19.97
C THR D 288 -26.65 1.91 -18.90
N PRO D 289 -26.39 2.22 -17.63
CA PRO D 289 -26.49 1.20 -16.59
C PRO D 289 -27.87 0.60 -16.54
N ASN D 290 -27.91 -0.74 -16.45
CA ASN D 290 -29.16 -1.46 -16.28
C ASN D 290 -30.12 -1.20 -17.43
N SER D 291 -29.59 -1.16 -18.65
CA SER D 291 -30.40 -0.82 -19.80
C SER D 291 -31.40 -1.91 -20.11
N GLN D 292 -32.63 -1.51 -20.44
CA GLN D 292 -33.68 -2.46 -20.79
C GLN D 292 -34.15 -2.32 -22.23
N TYR D 293 -33.41 -1.61 -23.08
CA TYR D 293 -33.90 -1.38 -24.44
C TYR D 293 -34.10 -2.70 -25.17
N GLN D 294 -33.09 -3.58 -25.14
CA GLN D 294 -33.18 -4.83 -25.87
C GLN D 294 -34.36 -5.71 -25.45
N MET D 295 -34.93 -5.48 -24.28
CA MET D 295 -36.04 -6.27 -23.78
C MET D 295 -37.39 -5.55 -23.88
N LEU D 296 -37.40 -4.31 -24.36
CA LEU D 296 -38.65 -3.57 -24.41
C LEU D 296 -39.67 -4.29 -25.27
N LEU D 297 -40.93 -4.27 -24.84
CA LEU D 297 -41.98 -4.88 -25.64
C LEU D 297 -42.12 -4.12 -26.96
N ASP D 298 -42.42 -2.83 -26.90
CA ASP D 298 -42.34 -2.02 -28.09
C ASP D 298 -41.24 -1.00 -27.87
N PRO D 299 -40.24 -0.92 -28.75
CA PRO D 299 -39.14 0.02 -28.50
C PRO D 299 -39.53 1.47 -28.68
N THR D 300 -40.54 1.77 -29.48
CA THR D 300 -40.93 3.17 -29.64
C THR D 300 -41.80 3.67 -28.50
N ASN D 301 -42.19 2.80 -27.56
CA ASN D 301 -43.00 3.21 -26.41
C ASN D 301 -42.52 2.43 -25.20
N PRO D 302 -41.58 2.98 -24.43
CA PRO D 302 -41.09 2.26 -23.25
C PRO D 302 -42.15 1.97 -22.22
N SER D 303 -43.23 2.75 -22.18
CA SER D 303 -44.23 2.57 -21.14
C SER D 303 -44.85 1.18 -21.18
N ALA D 304 -44.80 0.51 -22.34
CA ALA D 304 -45.45 -0.78 -22.52
C ALA D 304 -44.77 -1.92 -21.77
N GLY D 305 -43.62 -1.68 -21.16
CA GLY D 305 -42.95 -2.71 -20.39
C GLY D 305 -41.98 -3.53 -21.21
N THR D 306 -41.42 -4.53 -20.54
CA THR D 306 -40.45 -5.43 -21.13
C THR D 306 -40.96 -6.86 -21.07
N ALA D 307 -40.49 -7.69 -22.00
CA ALA D 307 -40.73 -9.12 -21.91
C ALA D 307 -40.15 -9.67 -20.62
N LYS D 308 -40.92 -10.48 -19.93
CA LYS D 308 -40.51 -10.98 -18.63
C LYS D 308 -40.63 -12.50 -18.53
N ILE D 309 -41.10 -13.17 -19.58
CA ILE D 309 -41.48 -14.59 -19.54
C ILE D 309 -40.55 -15.46 -18.70
#